data_2L80
#
_entry.id   2L80
#
loop_
_entity.id
_entity.type
_entity.pdbx_description
1 polymer 'Ubiquitin carboxyl-terminal hydrolase 13'
2 non-polymer 'ZINC ION'
#
_entity_poly.entity_id   1
_entity_poly.type   'polypeptide(L)'
_entity_poly.pdbx_seq_one_letter_code
;GSVSKYANNLTQLDNGVRIPPSGWKCARCDLRENLWLNLTDGSVLCGKWFFDSSGGNGHALEHYRDMGYPLAVKLGTITP
DGADVYSFQEEEPVLDPHLAKHLAHFGIDMLHMHGT
;
_entity_poly.pdbx_strand_id   A
#
loop_
_chem_comp.id
_chem_comp.type
_chem_comp.name
_chem_comp.formula
ZN non-polymer 'ZINC ION' 'Zn 2'
#
# COMPACT_ATOMS: atom_id res chain seq x y z
N VAL A 3 -2.89 -5.53 -14.42
CA VAL A 3 -2.74 -6.49 -13.30
C VAL A 3 -1.26 -6.72 -13.01
N SER A 4 -0.89 -6.74 -11.74
CA SER A 4 0.49 -7.00 -11.35
C SER A 4 0.84 -8.46 -11.57
N LYS A 5 1.96 -8.69 -12.23
CA LYS A 5 2.46 -10.03 -12.44
C LYS A 5 3.12 -10.53 -11.16
N TYR A 6 3.51 -9.58 -10.32
CA TYR A 6 4.13 -9.90 -9.04
C TYR A 6 3.08 -10.27 -8.00
N ALA A 7 1.83 -9.91 -8.28
CA ALA A 7 0.72 -10.21 -7.40
C ALA A 7 0.45 -11.71 -7.32
N ASN A 8 0.80 -12.41 -8.40
CA ASN A 8 0.66 -13.86 -8.45
C ASN A 8 1.64 -14.51 -7.48
N ASN A 9 2.86 -14.00 -7.46
CA ASN A 9 3.90 -14.52 -6.58
C ASN A 9 4.07 -13.61 -5.37
N LEU A 10 2.95 -13.12 -4.86
CA LEU A 10 2.95 -12.18 -3.76
C LEU A 10 3.43 -12.85 -2.47
N THR A 11 4.61 -12.44 -2.02
CA THR A 11 5.14 -12.94 -0.77
C THR A 11 4.84 -11.94 0.35
N GLN A 12 4.10 -12.39 1.36
CA GLN A 12 3.79 -11.54 2.49
C GLN A 12 4.67 -11.91 3.68
N LEU A 13 5.02 -10.91 4.46
CA LEU A 13 5.93 -11.06 5.58
C LEU A 13 5.34 -10.40 6.83
N ASP A 14 4.78 -11.21 7.73
CA ASP A 14 4.27 -10.66 8.97
C ASP A 14 5.40 -10.56 9.99
N ASN A 15 5.99 -9.38 10.04
CA ASN A 15 7.12 -9.11 10.91
C ASN A 15 6.89 -7.79 11.65
N GLY A 16 6.05 -7.85 12.67
CA GLY A 16 5.75 -6.66 13.45
C GLY A 16 4.75 -5.77 12.74
N VAL A 17 4.08 -6.33 11.74
CA VAL A 17 3.06 -5.60 10.98
C VAL A 17 1.90 -5.22 11.87
N ARG A 18 1.76 -3.93 12.06
CA ARG A 18 0.70 -3.38 12.85
C ARG A 18 0.15 -2.15 12.16
N ILE A 19 -0.93 -2.33 11.43
CA ILE A 19 -1.56 -1.22 10.75
C ILE A 19 -2.23 -0.32 11.79
N PRO A 20 -1.92 0.97 11.73
CA PRO A 20 -2.26 1.91 12.80
C PRO A 20 -3.76 2.18 12.91
N PRO A 21 -4.20 2.62 14.10
CA PRO A 21 -5.61 2.96 14.37
C PRO A 21 -6.08 4.17 13.57
N SER A 22 -5.16 4.76 12.81
CA SER A 22 -5.49 5.86 11.93
C SER A 22 -5.95 5.31 10.58
N GLY A 23 -5.75 4.00 10.42
CA GLY A 23 -6.14 3.31 9.20
C GLY A 23 -5.06 3.38 8.14
N TRP A 24 -4.25 4.45 8.19
CA TRP A 24 -3.15 4.62 7.24
C TRP A 24 -2.37 5.90 7.53
N LYS A 25 -1.05 5.81 7.33
CA LYS A 25 -0.13 6.94 7.40
C LYS A 25 1.28 6.42 7.19
N CYS A 26 2.10 7.14 6.42
CA CYS A 26 3.38 6.62 6.01
C CYS A 26 4.46 6.76 7.08
N ALA A 27 5.56 6.05 6.87
CA ALA A 27 6.69 6.08 7.79
C ALA A 27 7.35 7.46 7.85
N ARG A 28 8.01 7.84 6.75
CA ARG A 28 8.79 9.07 6.67
C ARG A 28 7.95 10.33 6.95
N CYS A 29 7.18 10.73 5.94
CA CYS A 29 6.38 11.95 6.04
C CYS A 29 5.15 11.74 6.91
N ASP A 30 4.42 12.81 7.14
CA ASP A 30 3.22 12.76 7.96
C ASP A 30 1.98 12.96 7.08
N LEU A 31 1.89 12.18 6.02
CA LEU A 31 0.76 12.26 5.12
C LEU A 31 -0.35 11.29 5.50
N ARG A 32 -1.57 11.80 5.39
CA ARG A 32 -2.78 11.07 5.72
C ARG A 32 -3.38 10.44 4.46
N GLU A 33 -2.80 10.73 3.31
CA GLU A 33 -3.36 10.36 2.02
C GLU A 33 -2.26 10.04 1.03
N ASN A 34 -2.64 9.56 -0.16
CA ASN A 34 -1.68 9.24 -1.22
C ASN A 34 -0.67 8.21 -0.75
N LEU A 35 -1.12 7.30 0.10
CA LEU A 35 -0.21 6.36 0.74
C LEU A 35 -0.08 5.06 -0.04
N TRP A 36 1.01 4.36 0.21
CA TRP A 36 1.26 3.07 -0.39
C TRP A 36 1.51 2.03 0.68
N LEU A 37 0.53 1.17 0.89
CA LEU A 37 0.63 0.11 1.88
C LEU A 37 1.31 -1.10 1.27
N ASN A 38 2.55 -1.36 1.67
CA ASN A 38 3.32 -2.48 1.14
C ASN A 38 2.62 -3.83 1.38
N LEU A 39 2.53 -4.62 0.31
CA LEU A 39 1.76 -5.87 0.31
C LEU A 39 2.47 -6.96 1.11
N THR A 40 3.74 -6.77 1.37
CA THR A 40 4.55 -7.79 2.00
C THR A 40 4.55 -7.67 3.52
N ASP A 41 5.30 -6.70 4.03
CA ASP A 41 5.53 -6.61 5.46
C ASP A 41 4.59 -5.60 6.10
N GLY A 42 3.89 -4.84 5.26
CA GLY A 42 2.91 -3.90 5.74
C GLY A 42 3.49 -2.52 6.01
N SER A 43 4.60 -2.20 5.36
CA SER A 43 5.17 -0.86 5.44
C SER A 43 4.31 0.13 4.67
N VAL A 44 3.73 1.09 5.38
CA VAL A 44 2.91 2.10 4.75
C VAL A 44 3.74 3.32 4.43
N LEU A 45 3.79 3.65 3.15
CA LEU A 45 4.54 4.81 2.69
C LEU A 45 3.57 5.71 1.94
N CYS A 46 4.07 6.69 1.19
CA CYS A 46 3.15 7.51 0.37
C CYS A 46 3.80 7.96 -0.94
N GLY A 47 3.06 8.75 -1.69
CA GLY A 47 3.52 9.26 -2.97
C GLY A 47 2.67 10.43 -3.41
N LYS A 48 3.21 11.63 -3.25
CA LYS A 48 2.47 12.86 -3.50
C LYS A 48 2.11 12.99 -4.97
N TRP A 49 0.95 13.60 -5.23
CA TRP A 49 0.49 13.82 -6.59
C TRP A 49 1.09 15.10 -7.14
N PHE A 50 2.28 14.98 -7.71
CA PHE A 50 3.00 16.11 -8.33
C PHE A 50 3.29 17.21 -7.32
N PHE A 51 2.35 18.14 -7.17
CA PHE A 51 2.53 19.29 -6.30
C PHE A 51 1.81 19.09 -4.97
N ASP A 52 2.57 18.95 -3.90
CA ASP A 52 2.02 18.77 -2.58
C ASP A 52 2.83 19.58 -1.56
N SER A 53 2.16 20.15 -0.58
CA SER A 53 2.80 21.00 0.40
C SER A 53 2.72 20.39 1.80
N SER A 54 2.60 19.07 1.86
CA SER A 54 2.51 18.37 3.13
C SER A 54 3.63 17.34 3.29
N GLY A 55 4.06 16.73 2.18
CA GLY A 55 5.18 15.82 2.24
C GLY A 55 5.24 14.90 1.03
N GLY A 56 5.70 13.67 1.25
CA GLY A 56 5.79 12.69 0.19
C GLY A 56 7.22 12.44 -0.25
N ASN A 57 8.08 12.14 0.72
CA ASN A 57 9.50 11.89 0.48
C ASN A 57 9.73 10.52 -0.15
N GLY A 58 11.00 10.22 -0.45
CA GLY A 58 11.33 9.00 -1.16
C GLY A 58 11.56 7.81 -0.23
N HIS A 59 10.53 7.43 0.49
CA HIS A 59 10.57 6.25 1.36
C HIS A 59 10.47 4.95 0.55
N ALA A 60 9.88 5.03 -0.64
CA ALA A 60 9.69 3.84 -1.47
C ALA A 60 11.02 3.21 -1.85
N LEU A 61 11.98 4.05 -2.25
CA LEU A 61 13.31 3.59 -2.62
C LEU A 61 14.01 2.98 -1.41
N GLU A 62 13.93 3.70 -0.31
CA GLU A 62 14.41 3.21 0.98
C GLU A 62 13.85 1.83 1.31
N HIS A 63 12.56 1.62 1.03
CA HIS A 63 11.94 0.34 1.31
C HIS A 63 12.50 -0.74 0.38
N TYR A 64 12.91 -0.33 -0.81
CA TYR A 64 13.54 -1.24 -1.75
C TYR A 64 14.97 -1.55 -1.30
N ARG A 65 15.56 -0.61 -0.58
CA ARG A 65 16.89 -0.78 0.00
C ARG A 65 16.82 -1.68 1.22
N ASP A 66 15.78 -1.46 2.04
CA ASP A 66 15.59 -2.18 3.29
C ASP A 66 15.09 -3.60 3.05
N MET A 67 13.94 -3.72 2.40
CA MET A 67 13.30 -5.02 2.21
C MET A 67 13.37 -5.48 0.76
N GLY A 68 13.22 -4.53 -0.16
CA GLY A 68 13.33 -4.85 -1.57
C GLY A 68 12.00 -5.29 -2.18
N TYR A 69 10.92 -5.13 -1.43
CA TYR A 69 9.60 -5.52 -1.91
C TYR A 69 8.91 -4.34 -2.59
N PRO A 70 8.81 -4.41 -3.93
CA PRO A 70 8.38 -3.31 -4.78
C PRO A 70 6.87 -3.28 -5.07
N LEU A 71 6.05 -3.41 -4.04
CA LEU A 71 4.60 -3.46 -4.23
C LEU A 71 3.86 -2.82 -3.07
N ALA A 72 2.90 -1.96 -3.37
CA ALA A 72 2.14 -1.29 -2.33
C ALA A 72 0.77 -0.80 -2.82
N VAL A 73 -0.21 -0.83 -1.93
CA VAL A 73 -1.58 -0.41 -2.23
C VAL A 73 -1.74 1.09 -2.01
N LYS A 74 -2.27 1.77 -3.02
CA LYS A 74 -2.54 3.19 -2.92
C LYS A 74 -3.73 3.43 -2.00
N LEU A 75 -3.44 3.76 -0.76
CA LEU A 75 -4.49 3.99 0.22
C LEU A 75 -5.21 5.29 -0.08
N GLY A 76 -6.47 5.33 0.29
CA GLY A 76 -7.31 6.45 -0.06
C GLY A 76 -8.16 6.17 -1.29
N THR A 77 -7.72 5.23 -2.12
CA THR A 77 -8.47 4.88 -3.32
C THR A 77 -9.27 3.61 -3.10
N ILE A 78 -9.32 3.18 -1.85
CA ILE A 78 -9.97 1.93 -1.48
C ILE A 78 -11.49 2.08 -1.50
N THR A 79 -12.10 1.39 -2.44
CA THR A 79 -13.55 1.39 -2.62
C THR A 79 -14.09 -0.01 -2.37
N PRO A 80 -15.42 -0.18 -2.24
CA PRO A 80 -16.01 -1.52 -2.08
C PRO A 80 -15.60 -2.47 -3.20
N ASP A 81 -15.43 -1.92 -4.40
CA ASP A 81 -15.02 -2.69 -5.57
C ASP A 81 -13.55 -3.08 -5.47
N GLY A 82 -12.69 -2.10 -5.24
CA GLY A 82 -11.27 -2.38 -5.15
C GLY A 82 -10.46 -1.13 -4.85
N ALA A 83 -9.17 -1.18 -5.13
CA ALA A 83 -8.29 -0.05 -4.87
C ALA A 83 -7.21 0.03 -5.94
N ASP A 84 -6.43 1.10 -5.89
CA ASP A 84 -5.31 1.27 -6.80
C ASP A 84 -4.04 0.73 -6.16
N VAL A 85 -3.20 0.09 -6.93
CA VAL A 85 -1.95 -0.47 -6.42
C VAL A 85 -0.80 -0.03 -7.31
N TYR A 86 0.35 0.25 -6.73
CA TYR A 86 1.50 0.64 -7.53
C TYR A 86 2.62 -0.37 -7.35
N SER A 87 3.24 -0.71 -8.47
CA SER A 87 4.37 -1.62 -8.47
C SER A 87 5.65 -0.87 -8.77
N PHE A 88 6.61 -0.94 -7.85
CA PHE A 88 7.90 -0.31 -8.04
C PHE A 88 8.77 -1.17 -8.95
N GLN A 89 8.38 -2.44 -9.06
CA GLN A 89 9.13 -3.39 -9.87
C GLN A 89 8.69 -3.33 -11.33
N GLU A 90 7.38 -3.25 -11.52
CA GLU A 90 6.80 -3.15 -12.85
C GLU A 90 6.72 -1.69 -13.29
N GLU A 91 6.85 -0.79 -12.30
CA GLU A 91 6.89 0.66 -12.52
C GLU A 91 5.54 1.21 -12.97
N GLU A 92 4.49 0.42 -12.81
CA GLU A 92 3.17 0.82 -13.27
C GLU A 92 2.14 0.70 -12.16
N PRO A 93 1.05 1.46 -12.27
CA PRO A 93 -0.14 1.23 -11.45
C PRO A 93 -0.78 -0.09 -11.84
N VAL A 94 -0.76 -1.04 -10.92
CA VAL A 94 -1.13 -2.40 -11.24
C VAL A 94 -2.31 -2.85 -10.40
N LEU A 95 -2.95 -3.92 -10.85
CA LEU A 95 -4.07 -4.49 -10.13
C LEU A 95 -3.68 -5.75 -9.42
N ASP A 96 -4.55 -6.19 -8.54
CA ASP A 96 -4.31 -7.39 -7.76
C ASP A 96 -5.60 -8.21 -7.68
N PRO A 97 -5.59 -9.41 -8.28
CA PRO A 97 -6.74 -10.32 -8.24
C PRO A 97 -7.00 -10.88 -6.84
N HIS A 98 -6.24 -10.39 -5.86
CA HIS A 98 -6.39 -10.82 -4.47
C HIS A 98 -6.45 -9.61 -3.56
N LEU A 99 -6.93 -8.48 -4.10
CA LEU A 99 -7.03 -7.25 -3.32
C LEU A 99 -7.83 -7.48 -2.05
N ALA A 100 -8.98 -8.12 -2.19
CA ALA A 100 -9.87 -8.30 -1.06
C ALA A 100 -9.21 -9.15 0.01
N LYS A 101 -8.52 -10.19 -0.43
CA LYS A 101 -7.79 -11.07 0.47
C LYS A 101 -6.67 -10.32 1.17
N HIS A 102 -5.93 -9.53 0.41
CA HIS A 102 -4.79 -8.80 0.97
C HIS A 102 -5.25 -7.73 1.94
N LEU A 103 -6.26 -6.97 1.54
CA LEU A 103 -6.80 -5.92 2.38
C LEU A 103 -7.44 -6.51 3.63
N ALA A 104 -8.18 -7.58 3.44
CA ALA A 104 -8.84 -8.25 4.56
C ALA A 104 -7.83 -8.81 5.54
N HIS A 105 -6.69 -9.26 5.03
CA HIS A 105 -5.63 -9.78 5.89
C HIS A 105 -4.94 -8.62 6.60
N PHE A 106 -5.23 -7.41 6.13
CA PHE A 106 -4.66 -6.20 6.69
C PHE A 106 -5.65 -5.56 7.65
N GLY A 107 -6.88 -6.04 7.64
CA GLY A 107 -7.92 -5.46 8.44
C GLY A 107 -8.68 -4.40 7.69
N ILE A 108 -8.28 -4.18 6.45
CA ILE A 108 -8.92 -3.21 5.58
C ILE A 108 -10.19 -3.81 4.99
N ASP A 109 -11.33 -3.29 5.42
CA ASP A 109 -12.62 -3.78 4.96
C ASP A 109 -13.26 -2.77 4.02
N MET A 110 -13.26 -3.09 2.74
CA MET A 110 -13.83 -2.21 1.71
C MET A 110 -15.33 -2.04 1.90
N LEU A 111 -15.94 -3.07 2.47
CA LEU A 111 -17.38 -3.12 2.59
C LEU A 111 -17.85 -2.43 3.86
N HIS A 112 -16.91 -2.14 4.73
CA HIS A 112 -17.18 -1.54 6.03
C HIS A 112 -17.95 -0.23 5.90
N MET A 113 -17.51 0.63 4.98
CA MET A 113 -18.16 1.93 4.81
C MET A 113 -19.39 1.81 3.90
N HIS A 114 -19.25 1.12 2.77
CA HIS A 114 -20.36 0.95 1.85
C HIS A 114 -20.08 -0.16 0.84
N GLY A 115 -19.95 -1.37 1.35
CA GLY A 115 -19.83 -2.52 0.48
C GLY A 115 -20.79 -3.62 0.89
N THR A 116 -21.32 -3.48 2.10
CA THR A 116 -22.29 -4.43 2.61
C THR A 116 -23.57 -4.39 1.79
ZN ZN B . 5.26 9.64 2.89
N VAL A 3 -2.18 -6.55 -14.58
CA VAL A 3 -2.17 -7.41 -13.37
C VAL A 3 -0.77 -7.94 -13.12
N SER A 4 -0.24 -7.66 -11.94
CA SER A 4 1.09 -8.10 -11.59
C SER A 4 1.11 -9.58 -11.27
N LYS A 5 1.93 -10.34 -12.00
CA LYS A 5 2.12 -11.76 -11.74
C LYS A 5 2.80 -11.95 -10.39
N TYR A 6 3.46 -10.89 -9.93
CA TYR A 6 4.10 -10.87 -8.61
C TYR A 6 3.08 -10.96 -7.49
N ALA A 7 1.84 -10.59 -7.80
CA ALA A 7 0.77 -10.64 -6.81
C ALA A 7 0.41 -12.08 -6.50
N ASN A 8 0.70 -12.98 -7.44
CA ASN A 8 0.47 -14.40 -7.24
C ASN A 8 1.69 -15.04 -6.59
N ASN A 9 2.78 -14.29 -6.54
CA ASN A 9 4.06 -14.84 -6.09
C ASN A 9 4.53 -14.19 -4.81
N LEU A 10 3.75 -13.25 -4.29
CA LEU A 10 4.18 -12.50 -3.11
C LEU A 10 4.07 -13.31 -1.83
N THR A 11 4.68 -12.78 -0.79
CA THR A 11 4.57 -13.33 0.54
C THR A 11 4.08 -12.24 1.48
N GLN A 12 3.17 -12.58 2.39
CA GLN A 12 2.68 -11.60 3.34
C GLN A 12 3.41 -11.76 4.67
N LEU A 13 4.17 -10.73 5.02
CA LEU A 13 5.03 -10.73 6.19
C LEU A 13 4.18 -10.57 7.45
N ASP A 14 4.36 -11.49 8.39
CA ASP A 14 3.66 -11.40 9.66
C ASP A 14 4.63 -11.06 10.79
N ASN A 15 4.68 -9.78 11.13
CA ASN A 15 5.53 -9.31 12.22
C ASN A 15 4.72 -8.40 13.12
N GLY A 16 3.56 -8.89 13.55
CA GLY A 16 2.67 -8.09 14.37
C GLY A 16 2.08 -6.92 13.59
N VAL A 17 2.13 -7.04 12.28
CA VAL A 17 1.67 -5.98 11.39
C VAL A 17 0.15 -5.90 11.38
N ARG A 18 -0.35 -4.76 11.79
CA ARG A 18 -1.77 -4.51 11.84
C ARG A 18 -2.04 -3.09 11.34
N ILE A 19 -2.33 -2.98 10.06
CA ILE A 19 -2.57 -1.69 9.44
C ILE A 19 -4.03 -1.29 9.65
N PRO A 20 -4.27 -0.12 10.24
CA PRO A 20 -5.62 0.30 10.61
C PRO A 20 -6.34 1.04 9.49
N PRO A 21 -7.67 0.90 9.48
CA PRO A 21 -8.55 1.59 8.53
C PRO A 21 -8.71 3.08 8.84
N SER A 22 -7.90 3.57 9.76
CA SER A 22 -8.01 4.95 10.24
C SER A 22 -7.38 5.96 9.28
N GLY A 23 -7.52 5.72 7.98
CA GLY A 23 -7.01 6.65 7.00
C GLY A 23 -5.60 6.33 6.58
N TRP A 24 -4.95 5.44 7.33
CA TRP A 24 -3.58 5.03 7.06
C TRP A 24 -2.62 6.21 7.22
N LYS A 25 -1.33 5.92 7.08
CA LYS A 25 -0.29 6.94 7.23
C LYS A 25 1.07 6.30 7.08
N CYS A 26 2.00 7.03 6.47
CA CYS A 26 3.32 6.48 6.19
C CYS A 26 4.12 6.35 7.49
N ALA A 27 5.25 5.68 7.40
CA ALA A 27 6.14 5.49 8.53
C ALA A 27 6.51 6.82 9.20
N ARG A 28 7.05 7.74 8.40
CA ARG A 28 7.52 9.02 8.93
C ARG A 28 6.42 10.10 8.98
N CYS A 29 6.29 10.86 7.88
CA CYS A 29 5.38 12.03 7.82
C CYS A 29 3.93 11.70 8.19
N ASP A 30 3.15 12.75 8.42
CA ASP A 30 1.74 12.61 8.77
C ASP A 30 0.87 12.77 7.52
N LEU A 31 1.33 12.23 6.39
CA LEU A 31 0.48 12.20 5.22
C LEU A 31 -0.62 11.17 5.39
N ARG A 32 -1.82 11.61 5.10
CA ARG A 32 -3.02 10.80 5.30
C ARG A 32 -3.59 10.45 3.93
N GLU A 33 -2.79 10.78 2.92
CA GLU A 33 -3.12 10.56 1.52
C GLU A 33 -1.83 10.31 0.76
N ASN A 34 -1.95 9.92 -0.51
CA ASN A 34 -0.80 9.65 -1.37
C ASN A 34 0.10 8.60 -0.71
N LEU A 35 -0.53 7.62 -0.08
CA LEU A 35 0.19 6.60 0.67
C LEU A 35 0.28 5.30 -0.11
N TRP A 36 1.30 4.53 0.18
CA TRP A 36 1.49 3.23 -0.43
C TRP A 36 1.67 2.16 0.63
N LEU A 37 0.68 1.29 0.73
CA LEU A 37 0.70 0.19 1.68
C LEU A 37 1.37 -1.01 1.01
N ASN A 38 2.61 -1.28 1.39
CA ASN A 38 3.37 -2.38 0.81
C ASN A 38 2.66 -3.72 1.04
N LEU A 39 2.58 -4.52 -0.02
CA LEU A 39 1.77 -5.75 -0.03
C LEU A 39 2.35 -6.81 0.90
N THR A 40 3.63 -6.71 1.17
CA THR A 40 4.33 -7.76 1.91
C THR A 40 4.38 -7.48 3.41
N ASP A 41 5.22 -6.55 3.82
CA ASP A 41 5.53 -6.35 5.24
C ASP A 41 4.64 -5.29 5.89
N GLY A 42 3.72 -4.74 5.12
CA GLY A 42 2.81 -3.72 5.64
C GLY A 42 3.48 -2.38 5.80
N SER A 43 4.59 -2.16 5.12
CA SER A 43 5.24 -0.85 5.16
C SER A 43 4.40 0.18 4.41
N VAL A 44 3.70 1.00 5.16
CA VAL A 44 2.91 2.08 4.60
C VAL A 44 3.79 3.32 4.44
N LEU A 45 3.91 3.79 3.22
CA LEU A 45 4.78 4.90 2.92
C LEU A 45 4.01 5.97 2.16
N CYS A 46 4.67 7.03 1.72
CA CYS A 46 3.95 8.14 1.09
C CYS A 46 4.80 8.79 0.00
N GLY A 47 4.11 9.45 -0.93
CA GLY A 47 4.78 10.34 -1.89
C GLY A 47 5.63 9.63 -2.94
N LYS A 48 5.85 8.33 -2.77
CA LYS A 48 6.75 7.57 -3.65
C LYS A 48 8.20 8.01 -3.41
N TRP A 49 8.52 9.21 -3.85
CA TRP A 49 9.83 9.81 -3.62
C TRP A 49 9.69 11.33 -3.43
N PHE A 50 8.45 11.80 -3.42
CA PHE A 50 8.17 13.22 -3.41
C PHE A 50 8.25 13.81 -2.00
N PHE A 51 9.29 14.58 -1.75
CA PHE A 51 9.43 15.34 -0.51
C PHE A 51 8.93 16.76 -0.75
N ASP A 52 7.88 17.15 -0.06
CA ASP A 52 7.31 18.48 -0.27
C ASP A 52 7.71 19.44 0.84
N SER A 53 7.01 19.38 1.98
CA SER A 53 7.28 20.29 3.08
C SER A 53 7.47 19.52 4.38
N SER A 54 6.36 19.05 4.95
CA SER A 54 6.40 18.24 6.15
C SER A 54 5.88 16.84 5.84
N GLY A 55 4.85 16.79 5.02
CA GLY A 55 4.29 15.53 4.62
C GLY A 55 4.79 15.09 3.26
N GLY A 56 5.66 14.10 3.26
CA GLY A 56 6.13 13.51 2.02
C GLY A 56 7.62 13.25 2.05
N ASN A 57 8.00 12.06 1.60
CA ASN A 57 9.39 11.61 1.69
C ASN A 57 9.58 10.36 0.83
N GLY A 58 10.80 10.16 0.32
CA GLY A 58 11.06 9.04 -0.57
C GLY A 58 11.25 7.72 0.16
N HIS A 59 10.23 7.30 0.90
CA HIS A 59 10.29 6.06 1.66
C HIS A 59 10.37 4.86 0.74
N ALA A 60 9.64 4.94 -0.38
CA ALA A 60 9.50 3.81 -1.29
C ALA A 60 10.85 3.32 -1.77
N LEU A 61 11.66 4.27 -2.26
CA LEU A 61 12.99 3.97 -2.79
C LEU A 61 13.80 3.21 -1.75
N GLU A 62 13.78 3.76 -0.54
CA GLU A 62 14.47 3.17 0.59
C GLU A 62 13.96 1.75 0.87
N HIS A 63 12.65 1.57 0.78
CA HIS A 63 12.03 0.29 1.03
C HIS A 63 12.42 -0.73 -0.05
N TYR A 64 12.63 -0.26 -1.27
CA TYR A 64 13.03 -1.13 -2.37
C TYR A 64 14.48 -1.56 -2.21
N ARG A 65 15.25 -0.74 -1.51
CA ARG A 65 16.60 -1.11 -1.14
C ARG A 65 16.60 -2.12 0.01
N ASP A 66 15.76 -1.85 1.02
CA ASP A 66 15.68 -2.71 2.21
C ASP A 66 15.12 -4.08 1.90
N MET A 67 13.90 -4.10 1.39
CA MET A 67 13.17 -5.34 1.23
C MET A 67 13.10 -5.78 -0.23
N GLY A 68 13.06 -4.81 -1.13
CA GLY A 68 13.04 -5.12 -2.54
C GLY A 68 11.65 -5.48 -3.05
N TYR A 69 10.66 -5.49 -2.16
CA TYR A 69 9.29 -5.82 -2.52
C TYR A 69 8.65 -4.67 -3.30
N PRO A 70 8.40 -4.89 -4.60
CA PRO A 70 8.02 -3.85 -5.56
C PRO A 70 6.50 -3.62 -5.65
N LEU A 71 5.76 -3.88 -4.59
CA LEU A 71 4.31 -3.83 -4.66
C LEU A 71 3.70 -3.08 -3.49
N ALA A 72 2.89 -2.07 -3.78
CA ALA A 72 2.23 -1.29 -2.74
C ALA A 72 0.86 -0.79 -3.20
N VAL A 73 -0.07 -0.71 -2.25
CA VAL A 73 -1.42 -0.22 -2.53
C VAL A 73 -1.51 1.27 -2.27
N LYS A 74 -1.89 2.04 -3.28
CA LYS A 74 -2.09 3.47 -3.10
C LYS A 74 -3.35 3.69 -2.28
N LEU A 75 -3.17 4.08 -1.04
CA LEU A 75 -4.27 4.20 -0.09
C LEU A 75 -5.11 5.42 -0.39
N GLY A 76 -6.33 5.42 0.13
CA GLY A 76 -7.26 6.49 -0.16
C GLY A 76 -8.09 6.23 -1.39
N THR A 77 -7.60 5.37 -2.28
CA THR A 77 -8.29 5.07 -3.52
C THR A 77 -9.11 3.79 -3.36
N ILE A 78 -9.01 3.22 -2.18
CA ILE A 78 -9.63 1.94 -1.89
C ILE A 78 -11.14 2.07 -1.85
N THR A 79 -11.79 1.28 -2.68
CA THR A 79 -13.24 1.28 -2.78
C THR A 79 -13.77 -0.14 -2.61
N PRO A 80 -15.09 -0.32 -2.49
CA PRO A 80 -15.70 -1.64 -2.44
C PRO A 80 -15.39 -2.47 -3.70
N ASP A 81 -14.94 -1.79 -4.75
CA ASP A 81 -14.59 -2.44 -6.00
C ASP A 81 -13.10 -2.81 -6.03
N GLY A 82 -12.26 -1.83 -5.72
CA GLY A 82 -10.82 -2.06 -5.73
C GLY A 82 -10.04 -0.80 -5.39
N ALA A 83 -8.74 -0.82 -5.67
CA ALA A 83 -7.88 0.32 -5.39
C ALA A 83 -6.76 0.41 -6.40
N ASP A 84 -6.06 1.53 -6.40
CA ASP A 84 -4.94 1.74 -7.31
C ASP A 84 -3.68 1.09 -6.74
N VAL A 85 -3.34 -0.07 -7.26
CA VAL A 85 -2.13 -0.76 -6.85
C VAL A 85 -0.97 -0.27 -7.71
N TYR A 86 0.22 -0.18 -7.14
CA TYR A 86 1.38 0.26 -7.90
C TYR A 86 2.51 -0.75 -7.78
N SER A 87 3.03 -1.15 -8.93
CA SER A 87 4.17 -2.03 -9.02
C SER A 87 5.37 -1.23 -9.46
N PHE A 88 6.40 -1.16 -8.63
CA PHE A 88 7.58 -0.37 -8.94
C PHE A 88 8.51 -1.12 -9.88
N GLN A 89 8.32 -2.43 -9.96
CA GLN A 89 9.09 -3.25 -10.88
C GLN A 89 8.62 -3.02 -12.31
N GLU A 90 7.32 -2.78 -12.43
CA GLU A 90 6.72 -2.49 -13.73
C GLU A 90 6.59 -0.98 -13.92
N GLU A 91 6.72 -0.27 -12.80
CA GLU A 91 6.68 1.19 -12.74
C GLU A 91 5.34 1.74 -13.26
N GLU A 92 4.30 0.93 -13.14
CA GLU A 92 2.97 1.32 -13.58
C GLU A 92 1.92 0.90 -12.56
N PRO A 93 0.77 1.58 -12.56
CA PRO A 93 -0.39 1.18 -11.75
C PRO A 93 -0.92 -0.17 -12.20
N VAL A 94 -0.98 -1.11 -11.28
CA VAL A 94 -1.35 -2.48 -11.60
C VAL A 94 -2.58 -2.91 -10.82
N LEU A 95 -2.93 -4.18 -10.95
CA LEU A 95 -4.09 -4.73 -10.29
C LEU A 95 -3.73 -5.98 -9.51
N ASP A 96 -4.01 -5.97 -8.21
CA ASP A 96 -3.83 -7.15 -7.37
C ASP A 96 -5.15 -7.89 -7.24
N PRO A 97 -5.18 -9.15 -7.69
CA PRO A 97 -6.37 -10.00 -7.55
C PRO A 97 -6.66 -10.36 -6.08
N HIS A 98 -5.78 -9.95 -5.18
CA HIS A 98 -5.91 -10.30 -3.77
C HIS A 98 -6.04 -9.07 -2.90
N LEU A 99 -6.64 -8.01 -3.45
CA LEU A 99 -6.83 -6.78 -2.70
C LEU A 99 -7.55 -7.05 -1.39
N ALA A 100 -8.60 -7.86 -1.47
CA ALA A 100 -9.39 -8.19 -0.29
C ALA A 100 -8.57 -9.03 0.68
N LYS A 101 -7.73 -9.90 0.13
CA LYS A 101 -6.84 -10.73 0.95
C LYS A 101 -5.82 -9.87 1.67
N HIS A 102 -5.25 -8.92 0.94
CA HIS A 102 -4.26 -8.03 1.51
C HIS A 102 -4.83 -7.25 2.67
N LEU A 103 -6.10 -6.87 2.54
CA LEU A 103 -6.79 -6.14 3.59
C LEU A 103 -7.26 -7.08 4.69
N ALA A 104 -7.77 -8.25 4.30
CA ALA A 104 -8.28 -9.23 5.25
C ALA A 104 -7.18 -9.71 6.21
N HIS A 105 -5.95 -9.73 5.70
CA HIS A 105 -4.79 -10.07 6.51
C HIS A 105 -4.56 -8.98 7.56
N PHE A 106 -5.20 -7.84 7.37
CA PHE A 106 -5.08 -6.70 8.25
C PHE A 106 -6.34 -6.50 9.07
N GLY A 107 -7.36 -7.30 8.78
CA GLY A 107 -8.65 -7.13 9.44
C GLY A 107 -9.52 -6.12 8.71
N ILE A 108 -8.98 -5.60 7.63
CA ILE A 108 -9.67 -4.61 6.81
C ILE A 108 -10.50 -5.31 5.74
N ASP A 109 -11.69 -4.78 5.48
CA ASP A 109 -12.47 -5.24 4.34
C ASP A 109 -13.00 -4.04 3.56
N MET A 110 -13.09 -4.23 2.26
CA MET A 110 -13.46 -3.16 1.33
C MET A 110 -14.87 -2.67 1.57
N LEU A 111 -15.74 -3.58 1.95
CA LEU A 111 -17.14 -3.26 2.16
C LEU A 111 -17.39 -2.80 3.59
N HIS A 112 -16.33 -2.32 4.24
CA HIS A 112 -16.40 -1.84 5.63
C HIS A 112 -17.47 -0.74 5.77
N MET A 113 -17.68 0.02 4.70
CA MET A 113 -18.77 0.98 4.67
C MET A 113 -20.09 0.23 4.63
N HIS A 114 -20.39 -0.34 3.45
CA HIS A 114 -21.52 -1.25 3.26
C HIS A 114 -21.66 -1.53 1.77
N GLY A 115 -20.53 -1.59 1.07
CA GLY A 115 -20.55 -1.70 -0.37
C GLY A 115 -20.85 -0.35 -1.02
N THR A 116 -21.00 0.66 -0.18
CA THR A 116 -21.30 2.01 -0.64
C THR A 116 -20.02 2.80 -0.90
ZN ZN B . 6.02 10.00 4.42
N VAL A 3 -1.72 -6.63 -14.92
CA VAL A 3 -1.95 -7.47 -13.73
C VAL A 3 -0.64 -7.66 -12.98
N SER A 4 -0.72 -7.70 -11.65
CA SER A 4 0.44 -8.05 -10.84
C SER A 4 0.80 -9.52 -11.03
N LYS A 5 1.92 -9.79 -11.69
CA LYS A 5 2.44 -11.16 -11.76
C LYS A 5 2.84 -11.61 -10.36
N TYR A 6 3.12 -10.63 -9.51
CA TYR A 6 3.46 -10.87 -8.12
C TYR A 6 2.22 -10.83 -7.23
N ALA A 7 1.09 -11.27 -7.76
CA ALA A 7 -0.14 -11.37 -6.99
C ALA A 7 -0.14 -12.66 -6.19
N ASN A 8 0.09 -13.77 -6.87
CA ASN A 8 0.20 -15.07 -6.23
C ASN A 8 1.56 -15.23 -5.57
N ASN A 9 2.59 -14.72 -6.23
CA ASN A 9 3.94 -14.78 -5.70
C ASN A 9 4.23 -13.57 -4.82
N LEU A 10 3.29 -13.26 -3.94
CA LEU A 10 3.46 -12.17 -3.01
C LEU A 10 3.72 -12.73 -1.63
N THR A 11 4.99 -12.78 -1.25
CA THR A 11 5.37 -13.23 0.07
C THR A 11 4.85 -12.26 1.13
N GLN A 12 3.98 -12.74 2.00
CA GLN A 12 3.37 -11.90 3.02
C GLN A 12 4.18 -12.00 4.31
N LEU A 13 4.58 -10.86 4.82
CA LEU A 13 5.45 -10.79 5.99
C LEU A 13 4.75 -10.12 7.16
N ASP A 14 4.54 -10.86 8.23
CA ASP A 14 3.92 -10.33 9.42
C ASP A 14 4.96 -10.16 10.52
N ASN A 15 5.47 -8.94 10.63
CA ASN A 15 6.46 -8.64 11.66
C ASN A 15 6.20 -7.25 12.23
N GLY A 16 5.02 -7.07 12.79
CA GLY A 16 4.67 -5.78 13.34
C GLY A 16 3.68 -5.05 12.45
N VAL A 17 3.10 -5.77 11.51
CA VAL A 17 2.10 -5.19 10.61
C VAL A 17 0.71 -5.24 11.24
N ARG A 18 0.18 -4.06 11.52
CA ARG A 18 -1.16 -3.95 12.04
C ARG A 18 -1.87 -2.78 11.37
N ILE A 19 -2.63 -3.09 10.34
CA ILE A 19 -3.25 -2.07 9.51
C ILE A 19 -4.73 -1.90 9.88
N PRO A 20 -5.19 -0.65 9.98
CA PRO A 20 -6.58 -0.35 10.21
C PRO A 20 -7.34 -0.20 8.89
N PRO A 21 -8.64 -0.50 8.92
CA PRO A 21 -9.52 -0.33 7.76
C PRO A 21 -9.62 1.13 7.31
N SER A 22 -9.14 2.04 8.16
CA SER A 22 -9.19 3.47 7.90
C SER A 22 -8.23 4.19 8.84
N GLY A 23 -7.75 5.35 8.42
CA GLY A 23 -6.83 6.11 9.25
C GLY A 23 -5.39 5.70 9.02
N TRP A 24 -5.02 5.58 7.75
CA TRP A 24 -3.66 5.21 7.37
C TRP A 24 -2.74 6.41 7.46
N LYS A 25 -1.44 6.16 7.39
CA LYS A 25 -0.45 7.22 7.45
C LYS A 25 0.95 6.64 7.35
N CYS A 26 1.79 7.36 6.64
CA CYS A 26 3.16 6.95 6.36
C CYS A 26 4.02 6.91 7.63
N ALA A 27 4.92 5.93 7.65
CA ALA A 27 5.79 5.65 8.78
C ALA A 27 6.71 6.82 9.12
N ARG A 28 7.14 7.55 8.11
CA ARG A 28 8.03 8.70 8.30
C ARG A 28 7.26 10.01 8.25
N CYS A 29 7.16 10.58 7.05
CA CYS A 29 6.46 11.85 6.86
C CYS A 29 4.97 11.71 7.10
N ASP A 30 4.38 12.74 7.66
CA ASP A 30 2.99 12.67 8.16
C ASP A 30 1.97 13.08 7.10
N LEU A 31 2.15 12.58 5.88
CA LEU A 31 1.15 12.78 4.84
C LEU A 31 -0.04 11.86 5.08
N ARG A 32 -1.22 12.38 4.84
CA ARG A 32 -2.46 11.65 5.08
C ARG A 32 -3.04 11.19 3.74
N GLU A 33 -2.26 11.41 2.69
CA GLU A 33 -2.72 11.18 1.32
C GLU A 33 -1.56 10.65 0.48
N ASN A 34 -1.90 10.01 -0.64
CA ASN A 34 -0.91 9.38 -1.52
C ASN A 34 0.00 8.48 -0.70
N LEU A 35 -0.61 7.52 -0.04
CA LEU A 35 0.11 6.59 0.83
C LEU A 35 0.26 5.25 0.15
N TRP A 36 1.37 4.59 0.40
CA TRP A 36 1.61 3.27 -0.17
C TRP A 36 1.72 2.23 0.93
N LEU A 37 0.70 1.39 0.98
CA LEU A 37 0.66 0.29 1.93
C LEU A 37 1.34 -0.93 1.30
N ASN A 38 2.56 -1.21 1.74
CA ASN A 38 3.34 -2.33 1.20
C ASN A 38 2.61 -3.67 1.35
N LEU A 39 2.57 -4.43 0.26
CA LEU A 39 1.80 -5.68 0.19
C LEU A 39 2.39 -6.76 1.08
N THR A 40 3.68 -6.63 1.37
CA THR A 40 4.40 -7.67 2.08
C THR A 40 4.30 -7.51 3.59
N ASP A 41 4.94 -6.48 4.11
CA ASP A 41 5.13 -6.33 5.55
C ASP A 41 4.24 -5.24 6.12
N GLY A 42 3.43 -4.62 5.26
CA GLY A 42 2.48 -3.61 5.70
C GLY A 42 3.12 -2.26 5.93
N SER A 43 4.30 -2.03 5.36
CA SER A 43 4.94 -0.72 5.46
C SER A 43 4.11 0.33 4.73
N VAL A 44 3.48 1.21 5.49
CA VAL A 44 2.71 2.31 4.94
C VAL A 44 3.60 3.52 4.76
N LEU A 45 3.80 3.91 3.53
CA LEU A 45 4.64 5.04 3.21
C LEU A 45 3.80 6.07 2.48
N CYS A 46 4.41 7.15 2.01
CA CYS A 46 3.66 8.11 1.22
C CYS A 46 4.50 8.62 0.06
N GLY A 47 3.98 9.59 -0.67
CA GLY A 47 4.68 10.09 -1.83
C GLY A 47 5.84 10.99 -1.47
N LYS A 48 6.26 11.80 -2.44
CA LYS A 48 7.34 12.74 -2.24
C LYS A 48 7.20 13.90 -3.22
N TRP A 49 6.46 14.92 -2.82
CA TRP A 49 6.29 16.09 -3.67
C TRP A 49 7.51 16.98 -3.54
N PHE A 50 7.55 17.73 -2.46
CA PHE A 50 8.69 18.55 -2.10
C PHE A 50 8.82 18.56 -0.59
N PHE A 51 10.02 18.78 -0.09
CA PHE A 51 10.24 18.82 1.35
C PHE A 51 9.89 20.23 1.84
N ASP A 52 9.60 21.11 0.90
CA ASP A 52 9.16 22.46 1.18
C ASP A 52 7.72 22.65 0.71
N SER A 53 7.06 21.55 0.38
CA SER A 53 5.68 21.58 -0.13
C SER A 53 4.96 20.27 0.18
N SER A 54 4.05 20.32 1.14
CA SER A 54 3.25 19.16 1.56
C SER A 54 4.09 18.15 2.35
N GLY A 55 5.15 17.65 1.73
CA GLY A 55 6.03 16.70 2.40
C GLY A 55 6.30 15.47 1.56
N GLY A 56 6.84 14.45 2.21
CA GLY A 56 7.16 13.22 1.52
C GLY A 56 8.64 12.90 1.62
N ASN A 57 9.05 11.77 1.07
CA ASN A 57 10.41 11.26 1.27
C ASN A 57 10.68 10.10 0.30
N GLY A 58 11.90 9.59 0.27
CA GLY A 58 12.25 8.51 -0.63
C GLY A 58 12.05 7.14 -0.03
N HIS A 59 11.28 7.07 1.06
CA HIS A 59 10.96 5.81 1.76
C HIS A 59 10.57 4.66 0.83
N ALA A 60 9.91 4.94 -0.29
CA ALA A 60 9.54 3.88 -1.22
C ALA A 60 10.80 3.25 -1.82
N LEU A 61 11.70 4.10 -2.27
CA LEU A 61 12.99 3.67 -2.78
C LEU A 61 13.82 3.06 -1.67
N GLU A 62 13.84 3.75 -0.53
CA GLU A 62 14.52 3.26 0.67
C GLU A 62 14.03 1.87 1.05
N HIS A 63 12.72 1.66 0.95
CA HIS A 63 12.13 0.37 1.30
C HIS A 63 12.55 -0.70 0.31
N TYR A 64 12.72 -0.30 -0.95
CA TYR A 64 13.22 -1.20 -1.98
C TYR A 64 14.68 -1.54 -1.70
N ARG A 65 15.36 -0.63 -1.01
CA ARG A 65 16.74 -0.85 -0.59
C ARG A 65 16.79 -1.73 0.64
N ASP A 66 15.90 -1.48 1.60
CA ASP A 66 15.84 -2.27 2.82
C ASP A 66 15.43 -3.71 2.54
N MET A 67 14.24 -3.88 1.98
CA MET A 67 13.68 -5.21 1.73
C MET A 67 13.52 -5.46 0.24
N GLY A 68 13.06 -4.43 -0.46
CA GLY A 68 12.72 -4.57 -1.84
C GLY A 68 11.22 -4.47 -2.02
N TYR A 69 10.59 -5.64 -2.17
CA TYR A 69 9.14 -5.78 -2.35
C TYR A 69 8.49 -4.58 -3.04
N PRO A 70 8.61 -4.52 -4.38
CA PRO A 70 8.10 -3.40 -5.20
C PRO A 70 6.59 -3.45 -5.41
N LEU A 71 5.82 -3.58 -4.33
CA LEU A 71 4.37 -3.70 -4.41
C LEU A 71 3.69 -3.01 -3.24
N ALA A 72 2.75 -2.12 -3.53
CA ALA A 72 2.08 -1.36 -2.48
C ALA A 72 0.70 -0.89 -2.93
N VAL A 73 -0.22 -0.78 -1.97
CA VAL A 73 -1.54 -0.24 -2.22
C VAL A 73 -1.53 1.27 -2.07
N LYS A 74 -1.95 1.98 -3.10
CA LYS A 74 -2.08 3.43 -3.01
C LYS A 74 -3.35 3.77 -2.27
N LEU A 75 -3.20 4.08 -1.00
CA LEU A 75 -4.33 4.29 -0.11
C LEU A 75 -5.09 5.56 -0.49
N GLY A 76 -6.34 5.60 -0.09
CA GLY A 76 -7.20 6.70 -0.46
C GLY A 76 -8.01 6.41 -1.71
N THR A 77 -7.68 5.32 -2.39
CA THR A 77 -8.38 4.93 -3.60
C THR A 77 -9.22 3.68 -3.33
N ILE A 78 -9.20 3.25 -2.09
CA ILE A 78 -9.86 2.02 -1.68
C ILE A 78 -11.37 2.20 -1.67
N THR A 79 -12.04 1.49 -2.57
CA THR A 79 -13.48 1.51 -2.66
C THR A 79 -14.02 0.15 -2.26
N PRO A 80 -15.34 0.02 -2.05
CA PRO A 80 -15.96 -1.29 -1.77
C PRO A 80 -16.01 -2.19 -3.00
N ASP A 81 -15.07 -1.97 -3.91
CA ASP A 81 -14.97 -2.78 -5.12
C ASP A 81 -13.51 -3.06 -5.47
N GLY A 82 -12.71 -2.00 -5.53
CA GLY A 82 -11.29 -2.16 -5.84
C GLY A 82 -10.47 -0.98 -5.37
N ALA A 83 -9.19 -0.99 -5.69
CA ALA A 83 -8.30 0.11 -5.33
C ALA A 83 -7.14 0.19 -6.30
N ASP A 84 -6.43 1.31 -6.26
CA ASP A 84 -5.27 1.51 -7.11
C ASP A 84 -4.03 0.97 -6.42
N VAL A 85 -3.62 -0.23 -6.79
CA VAL A 85 -2.40 -0.79 -6.31
C VAL A 85 -1.26 -0.43 -7.25
N TYR A 86 -0.13 -0.07 -6.70
CA TYR A 86 0.99 0.39 -7.49
C TYR A 86 2.16 -0.57 -7.33
N SER A 87 2.79 -0.89 -8.43
CA SER A 87 3.97 -1.72 -8.41
C SER A 87 5.17 -0.91 -8.85
N PHE A 88 6.16 -0.80 -7.97
CA PHE A 88 7.36 -0.05 -8.27
C PHE A 88 8.24 -0.83 -9.25
N GLN A 89 8.00 -2.14 -9.30
CA GLN A 89 8.69 -3.00 -10.24
C GLN A 89 8.18 -2.75 -11.66
N GLU A 90 6.87 -2.84 -11.80
CA GLU A 90 6.21 -2.58 -13.08
C GLU A 90 6.26 -1.09 -13.41
N GLU A 91 6.53 -0.29 -12.36
CA GLU A 91 6.61 1.17 -12.48
C GLU A 91 5.25 1.77 -12.83
N GLU A 92 4.20 0.99 -12.62
CA GLU A 92 2.85 1.39 -13.02
C GLU A 92 1.84 0.96 -11.97
N PRO A 93 0.67 1.60 -11.95
CA PRO A 93 -0.48 1.10 -11.21
C PRO A 93 -1.03 -0.15 -11.86
N VAL A 94 -1.19 -1.21 -11.09
CA VAL A 94 -1.54 -2.51 -11.64
C VAL A 94 -2.88 -2.98 -11.09
N LEU A 95 -3.20 -4.23 -11.34
CA LEU A 95 -4.43 -4.82 -10.85
C LEU A 95 -4.12 -6.14 -10.17
N ASP A 96 -4.76 -6.36 -9.03
CA ASP A 96 -4.50 -7.53 -8.21
C ASP A 96 -5.74 -8.42 -8.14
N PRO A 97 -5.64 -9.65 -8.66
CA PRO A 97 -6.72 -10.63 -8.62
C PRO A 97 -7.06 -11.08 -7.20
N HIS A 98 -6.18 -10.82 -6.25
CA HIS A 98 -6.39 -11.22 -4.86
C HIS A 98 -6.40 -10.02 -3.94
N LEU A 99 -7.08 -8.95 -4.37
CA LEU A 99 -7.19 -7.73 -3.56
C LEU A 99 -7.75 -8.05 -2.19
N ALA A 100 -8.84 -8.81 -2.17
CA ALA A 100 -9.52 -9.13 -0.92
C ALA A 100 -8.61 -9.92 0.01
N LYS A 101 -7.79 -10.78 -0.57
CA LYS A 101 -6.85 -11.58 0.19
C LYS A 101 -5.75 -10.71 0.79
N HIS A 102 -5.22 -9.81 -0.01
CA HIS A 102 -4.13 -8.96 0.45
C HIS A 102 -4.63 -7.96 1.48
N LEU A 103 -5.84 -7.44 1.28
CA LEU A 103 -6.42 -6.51 2.22
C LEU A 103 -6.86 -7.22 3.48
N ALA A 104 -7.24 -8.48 3.33
CA ALA A 104 -7.56 -9.32 4.49
C ALA A 104 -6.32 -9.49 5.37
N HIS A 105 -5.16 -9.55 4.72
CA HIS A 105 -3.88 -9.60 5.41
C HIS A 105 -3.57 -8.25 6.05
N PHE A 106 -4.36 -7.25 5.67
CA PHE A 106 -4.20 -5.91 6.19
C PHE A 106 -5.31 -5.59 7.19
N GLY A 107 -6.32 -6.44 7.23
CA GLY A 107 -7.47 -6.16 8.07
C GLY A 107 -8.42 -5.17 7.42
N ILE A 108 -8.22 -4.94 6.13
CA ILE A 108 -9.03 -4.02 5.36
C ILE A 108 -10.16 -4.74 4.65
N ASP A 109 -11.39 -4.45 5.08
CA ASP A 109 -12.58 -5.06 4.46
C ASP A 109 -13.38 -4.00 3.73
N MET A 110 -13.55 -4.20 2.43
CA MET A 110 -14.26 -3.24 1.59
C MET A 110 -15.74 -3.19 1.94
N LEU A 111 -16.31 -4.36 2.16
CA LEU A 111 -17.76 -4.49 2.27
C LEU A 111 -18.23 -4.20 3.70
N HIS A 112 -17.28 -4.04 4.61
CA HIS A 112 -17.59 -3.81 6.02
C HIS A 112 -18.14 -2.39 6.24
N MET A 113 -18.21 -1.63 5.16
CA MET A 113 -18.78 -0.30 5.20
C MET A 113 -20.11 -0.27 4.46
N HIS A 114 -20.64 -1.45 4.15
CA HIS A 114 -21.91 -1.61 3.44
C HIS A 114 -21.89 -0.92 2.09
N GLY A 115 -20.86 -1.19 1.31
CA GLY A 115 -20.74 -0.60 -0.02
C GLY A 115 -21.08 -1.59 -1.10
N THR A 116 -22.10 -2.41 -0.85
CA THR A 116 -22.51 -3.42 -1.80
C THR A 116 -23.97 -3.79 -1.51
ZN ZN B . 6.10 9.55 3.71
N VAL A 3 -3.09 -6.47 -14.89
CA VAL A 3 -2.76 -7.29 -13.70
C VAL A 3 -1.27 -7.65 -13.73
N SER A 4 -0.58 -7.45 -12.62
CA SER A 4 0.84 -7.77 -12.54
C SER A 4 1.03 -9.25 -12.23
N LYS A 5 1.91 -9.90 -12.99
CA LYS A 5 2.21 -11.30 -12.76
C LYS A 5 2.95 -11.48 -11.45
N TYR A 6 3.71 -10.46 -11.08
CA TYR A 6 4.50 -10.49 -9.86
C TYR A 6 3.61 -10.41 -8.62
N ALA A 7 2.35 -10.05 -8.83
CA ALA A 7 1.39 -9.94 -7.74
C ALA A 7 0.77 -11.30 -7.44
N ASN A 8 0.95 -12.25 -8.34
CA ASN A 8 0.41 -13.58 -8.14
C ASN A 8 1.27 -14.37 -7.16
N ASN A 9 2.59 -14.20 -7.27
CA ASN A 9 3.52 -14.95 -6.43
C ASN A 9 4.19 -14.03 -5.42
N LEU A 10 3.41 -13.51 -4.49
CA LEU A 10 3.94 -12.73 -3.40
C LEU A 10 3.51 -13.29 -2.06
N THR A 11 4.13 -12.82 -1.00
CA THR A 11 3.79 -13.26 0.34
C THR A 11 3.38 -12.08 1.20
N GLN A 12 2.38 -12.29 2.05
CA GLN A 12 1.95 -11.26 2.98
C GLN A 12 2.57 -11.53 4.34
N LEU A 13 3.18 -10.52 4.92
CA LEU A 13 4.06 -10.68 6.06
C LEU A 13 3.62 -9.77 7.21
N ASP A 14 3.72 -10.29 8.43
CA ASP A 14 3.55 -9.47 9.62
C ASP A 14 4.93 -9.19 10.23
N ASN A 15 5.49 -8.04 9.91
CA ASN A 15 6.79 -7.66 10.45
C ASN A 15 6.58 -6.75 11.67
N GLY A 16 5.78 -7.23 12.61
CA GLY A 16 5.41 -6.40 13.74
C GLY A 16 4.46 -5.29 13.32
N VAL A 17 3.76 -5.55 12.22
CA VAL A 17 2.86 -4.57 11.62
C VAL A 17 1.56 -4.46 12.39
N ARG A 18 1.29 -3.27 12.87
CA ARG A 18 0.02 -2.99 13.50
C ARG A 18 -0.57 -1.75 12.86
N ILE A 19 -1.45 -1.96 11.90
CA ILE A 19 -2.09 -0.88 11.19
C ILE A 19 -3.09 -0.19 12.12
N PRO A 20 -3.03 1.14 12.22
CA PRO A 20 -3.84 1.90 13.15
C PRO A 20 -5.24 2.16 12.62
N PRO A 21 -6.19 2.45 13.52
CA PRO A 21 -7.60 2.67 13.19
C PRO A 21 -7.84 3.78 12.16
N SER A 22 -6.80 4.55 11.85
CA SER A 22 -6.91 5.59 10.83
C SER A 22 -6.89 4.94 9.46
N GLY A 23 -6.30 3.76 9.39
CA GLY A 23 -6.29 2.99 8.16
C GLY A 23 -5.03 3.20 7.33
N TRP A 24 -4.37 4.34 7.50
CA TRP A 24 -3.19 4.65 6.70
C TRP A 24 -2.40 5.85 7.22
N LYS A 25 -1.10 5.80 7.00
CA LYS A 25 -0.18 6.93 7.20
C LYS A 25 1.25 6.50 6.91
N CYS A 26 1.97 7.32 6.17
CA CYS A 26 3.37 7.05 5.82
C CYS A 26 4.24 6.98 7.06
N ALA A 27 5.11 5.97 7.09
CA ALA A 27 5.97 5.70 8.22
C ALA A 27 7.00 6.80 8.46
N ARG A 28 7.38 7.52 7.42
CA ARG A 28 8.33 8.63 7.55
C ARG A 28 7.59 9.94 7.84
N CYS A 29 7.18 10.62 6.78
CA CYS A 29 6.37 11.83 6.90
C CYS A 29 4.95 11.49 7.36
N ASP A 30 4.30 12.46 7.97
CA ASP A 30 2.96 12.26 8.53
C ASP A 30 1.86 12.56 7.53
N LEU A 31 2.16 12.38 6.24
CA LEU A 31 1.16 12.56 5.20
C LEU A 31 0.03 11.55 5.38
N ARG A 32 -1.20 12.05 5.31
CA ARG A 32 -2.38 11.25 5.61
C ARG A 32 -3.07 10.81 4.33
N GLU A 33 -2.44 11.09 3.19
CA GLU A 33 -3.01 10.73 1.90
C GLU A 33 -1.91 10.42 0.92
N ASN A 34 -2.31 9.92 -0.24
CA ASN A 34 -1.39 9.48 -1.29
C ASN A 34 -0.33 8.56 -0.71
N LEU A 35 -0.80 7.48 -0.12
CA LEU A 35 0.06 6.55 0.57
C LEU A 35 0.09 5.21 -0.16
N TRP A 36 1.20 4.51 -0.05
CA TRP A 36 1.34 3.20 -0.67
C TRP A 36 1.51 2.14 0.41
N LEU A 37 0.49 1.32 0.56
CA LEU A 37 0.50 0.24 1.53
C LEU A 37 1.16 -0.99 0.91
N ASN A 38 2.38 -1.33 1.37
CA ASN A 38 3.11 -2.46 0.82
C ASN A 38 2.32 -3.75 0.95
N LEU A 39 2.32 -4.54 -0.13
CA LEU A 39 1.52 -5.75 -0.23
C LEU A 39 2.04 -6.85 0.68
N THR A 40 3.25 -6.68 1.17
CA THR A 40 3.88 -7.72 1.96
C THR A 40 3.70 -7.47 3.47
N ASP A 41 4.55 -6.63 4.04
CA ASP A 41 4.64 -6.52 5.49
C ASP A 41 3.67 -5.48 6.05
N GLY A 42 3.31 -4.50 5.23
CA GLY A 42 2.47 -3.42 5.69
C GLY A 42 3.18 -2.09 5.73
N SER A 43 4.35 -2.03 5.10
CA SER A 43 5.09 -0.77 4.98
C SER A 43 4.26 0.27 4.23
N VAL A 44 3.67 1.18 4.98
CA VAL A 44 2.89 2.26 4.41
C VAL A 44 3.77 3.49 4.23
N LEU A 45 3.95 3.89 2.99
CA LEU A 45 4.77 5.04 2.67
C LEU A 45 3.89 6.05 1.93
N CYS A 46 4.43 7.21 1.59
CA CYS A 46 3.61 8.20 0.88
C CYS A 46 4.27 8.62 -0.43
N GLY A 47 3.60 9.44 -1.22
CA GLY A 47 4.22 9.90 -2.44
C GLY A 47 3.24 10.51 -3.42
N LYS A 48 3.27 11.83 -3.52
CA LYS A 48 2.49 12.56 -4.51
C LYS A 48 3.18 13.86 -4.85
N TRP A 49 3.67 13.98 -6.07
CA TRP A 49 4.29 15.20 -6.52
C TRP A 49 3.22 16.25 -6.76
N PHE A 50 3.58 17.52 -6.59
CA PHE A 50 2.62 18.63 -6.65
C PHE A 50 1.64 18.49 -5.49
N PHE A 51 2.20 18.11 -4.36
CA PHE A 51 1.46 17.86 -3.12
C PHE A 51 2.46 17.73 -1.99
N ASP A 52 3.64 17.24 -2.34
CA ASP A 52 4.77 17.13 -1.44
C ASP A 52 5.13 18.50 -0.86
N SER A 53 4.83 18.68 0.43
CA SER A 53 5.16 19.91 1.13
C SER A 53 5.32 19.62 2.62
N SER A 54 4.27 19.09 3.22
CA SER A 54 4.31 18.68 4.61
C SER A 54 5.18 17.42 4.77
N GLY A 55 5.49 16.80 3.64
CA GLY A 55 6.32 15.62 3.63
C GLY A 55 6.29 14.93 2.29
N GLY A 56 6.86 13.72 2.25
CA GLY A 56 6.89 12.96 1.02
C GLY A 56 8.31 12.62 0.60
N ASN A 57 9.10 12.14 1.56
CA ASN A 57 10.50 11.76 1.35
C ASN A 57 10.62 10.47 0.51
N GLY A 58 11.87 10.04 0.30
CA GLY A 58 12.14 8.89 -0.56
C GLY A 58 12.18 7.57 0.18
N HIS A 59 11.07 7.22 0.81
CA HIS A 59 10.96 5.98 1.57
C HIS A 59 10.80 4.78 0.67
N ALA A 60 10.25 5.00 -0.51
CA ALA A 60 10.03 3.92 -1.47
C ALA A 60 11.38 3.37 -1.91
N LEU A 61 12.36 4.27 -1.99
CA LEU A 61 13.73 3.88 -2.29
C LEU A 61 14.30 3.03 -1.17
N GLU A 62 14.16 3.53 0.06
CA GLU A 62 14.56 2.81 1.26
C GLU A 62 13.96 1.41 1.26
N HIS A 63 12.65 1.35 1.04
CA HIS A 63 11.91 0.10 1.08
C HIS A 63 12.38 -0.88 0.01
N TYR A 64 12.74 -0.35 -1.16
CA TYR A 64 13.19 -1.19 -2.27
C TYR A 64 14.57 -1.78 -1.97
N ARG A 65 15.39 -1.01 -1.26
CA ARG A 65 16.72 -1.43 -0.88
C ARG A 65 16.67 -2.34 0.34
N ASP A 66 15.86 -1.97 1.32
CA ASP A 66 15.79 -2.68 2.60
C ASP A 66 15.05 -4.01 2.46
N MET A 67 13.81 -3.96 2.00
CA MET A 67 12.98 -5.15 1.92
C MET A 67 12.87 -5.66 0.48
N GLY A 68 12.85 -4.74 -0.46
CA GLY A 68 12.81 -5.11 -1.86
C GLY A 68 11.39 -5.25 -2.41
N TYR A 69 10.44 -5.46 -1.52
CA TYR A 69 9.04 -5.67 -1.90
C TYR A 69 8.50 -4.46 -2.68
N PRO A 70 8.31 -4.63 -4.00
CA PRO A 70 7.99 -3.54 -4.91
C PRO A 70 6.52 -3.47 -5.32
N LEU A 71 5.62 -3.64 -4.37
CA LEU A 71 4.19 -3.62 -4.65
C LEU A 71 3.45 -2.92 -3.52
N ALA A 72 2.60 -1.96 -3.86
CA ALA A 72 1.92 -1.18 -2.85
C ALA A 72 0.53 -0.72 -3.29
N VAL A 73 -0.38 -0.61 -2.32
CA VAL A 73 -1.74 -0.17 -2.56
C VAL A 73 -1.86 1.33 -2.29
N LYS A 74 -2.31 2.09 -3.29
CA LYS A 74 -2.56 3.50 -3.10
C LYS A 74 -3.78 3.66 -2.21
N LEU A 75 -3.54 4.13 -0.99
CA LEU A 75 -4.56 4.25 0.01
C LEU A 75 -5.41 5.50 -0.23
N GLY A 76 -6.61 5.49 0.32
CA GLY A 76 -7.52 6.59 0.12
C GLY A 76 -8.54 6.29 -0.97
N THR A 77 -8.22 5.36 -1.85
CA THR A 77 -9.11 5.00 -2.94
C THR A 77 -9.65 3.59 -2.76
N ILE A 78 -9.63 3.14 -1.51
CA ILE A 78 -10.07 1.80 -1.18
C ILE A 78 -11.59 1.72 -1.14
N THR A 79 -12.13 0.95 -2.06
CA THR A 79 -13.56 0.77 -2.19
C THR A 79 -13.84 -0.75 -2.19
N PRO A 80 -15.12 -1.19 -2.12
CA PRO A 80 -15.47 -2.62 -2.00
C PRO A 80 -15.22 -3.40 -3.30
N ASP A 81 -14.25 -2.93 -4.07
CA ASP A 81 -13.81 -3.59 -5.30
C ASP A 81 -12.30 -3.69 -5.30
N GLY A 82 -11.66 -2.59 -4.92
CA GLY A 82 -10.22 -2.54 -4.83
C GLY A 82 -9.73 -1.11 -4.66
N ALA A 83 -8.46 -0.88 -5.00
CA ALA A 83 -7.88 0.45 -4.94
C ALA A 83 -6.82 0.58 -6.03
N ASP A 84 -6.15 1.72 -6.08
CA ASP A 84 -5.06 1.91 -7.04
C ASP A 84 -3.89 0.99 -6.71
N VAL A 85 -3.75 -0.08 -7.47
CA VAL A 85 -2.64 -1.00 -7.27
C VAL A 85 -1.44 -0.51 -8.06
N TYR A 86 -0.39 -0.11 -7.38
CA TYR A 86 0.78 0.40 -8.07
C TYR A 86 1.96 -0.54 -7.89
N SER A 87 2.63 -0.82 -9.00
CA SER A 87 3.80 -1.66 -9.00
C SER A 87 5.05 -0.78 -8.95
N PHE A 88 5.85 -0.91 -7.91
CA PHE A 88 6.99 -0.02 -7.74
C PHE A 88 8.18 -0.48 -8.57
N GLN A 89 8.26 -1.79 -8.80
CA GLN A 89 9.33 -2.35 -9.62
C GLN A 89 9.09 -2.01 -11.08
N GLU A 90 7.84 -2.16 -11.50
CA GLU A 90 7.45 -1.96 -12.88
C GLU A 90 7.09 -0.49 -13.12
N GLU A 91 6.90 0.23 -12.01
CA GLU A 91 6.49 1.64 -11.99
C GLU A 91 5.20 1.87 -12.79
N GLU A 92 4.38 0.83 -12.87
CA GLU A 92 3.14 0.89 -13.61
C GLU A 92 1.94 0.68 -12.68
N PRO A 93 0.78 1.19 -13.07
CA PRO A 93 -0.46 0.85 -12.41
C PRO A 93 -0.87 -0.57 -12.78
N VAL A 94 -0.91 -1.44 -11.79
CA VAL A 94 -1.16 -2.86 -12.03
C VAL A 94 -2.42 -3.30 -11.32
N LEU A 95 -2.58 -4.60 -11.21
CA LEU A 95 -3.76 -5.16 -10.56
C LEU A 95 -3.36 -6.36 -9.72
N ASP A 96 -3.83 -6.38 -8.49
CA ASP A 96 -3.61 -7.52 -7.61
C ASP A 96 -4.89 -8.31 -7.42
N PRO A 97 -4.90 -9.57 -7.87
CA PRO A 97 -6.03 -10.47 -7.68
C PRO A 97 -6.23 -10.86 -6.21
N HIS A 98 -5.40 -10.33 -5.33
CA HIS A 98 -5.46 -10.67 -3.90
C HIS A 98 -5.66 -9.43 -3.04
N LEU A 99 -6.18 -8.36 -3.63
CA LEU A 99 -6.42 -7.11 -2.90
C LEU A 99 -7.23 -7.37 -1.65
N ALA A 100 -8.30 -8.14 -1.80
CA ALA A 100 -9.20 -8.43 -0.68
C ALA A 100 -8.47 -9.25 0.37
N LYS A 101 -7.63 -10.16 -0.07
CA LYS A 101 -6.82 -10.96 0.83
C LYS A 101 -5.85 -10.07 1.58
N HIS A 102 -5.23 -9.15 0.87
CA HIS A 102 -4.28 -8.22 1.47
C HIS A 102 -4.96 -7.40 2.54
N LEU A 103 -6.15 -6.92 2.25
CA LEU A 103 -6.88 -6.08 3.18
C LEU A 103 -7.41 -6.91 4.35
N ALA A 104 -7.90 -8.10 4.05
CA ALA A 104 -8.42 -9.01 5.08
C ALA A 104 -7.33 -9.44 6.06
N HIS A 105 -6.14 -9.72 5.53
CA HIS A 105 -4.99 -10.08 6.35
C HIS A 105 -4.53 -8.86 7.16
N PHE A 106 -5.09 -7.71 6.83
CA PHE A 106 -4.76 -6.47 7.49
C PHE A 106 -5.92 -5.99 8.35
N GLY A 107 -7.00 -6.77 8.34
CA GLY A 107 -8.17 -6.41 9.12
C GLY A 107 -8.89 -5.21 8.53
N ILE A 108 -8.52 -4.84 7.32
CA ILE A 108 -9.12 -3.71 6.63
C ILE A 108 -10.50 -4.08 6.11
N ASP A 109 -11.49 -3.32 6.53
CA ASP A 109 -12.88 -3.61 6.20
C ASP A 109 -13.38 -2.76 5.05
N MET A 110 -13.42 -3.34 3.85
CA MET A 110 -14.05 -2.69 2.72
C MET A 110 -15.54 -2.64 2.95
N LEU A 111 -16.06 -3.73 3.49
CA LEU A 111 -17.47 -3.87 3.79
C LEU A 111 -17.75 -3.39 5.21
N HIS A 112 -16.97 -2.38 5.59
CA HIS A 112 -16.88 -1.85 6.96
C HIS A 112 -18.20 -1.90 7.72
N MET A 113 -19.23 -1.26 7.20
CA MET A 113 -20.52 -1.22 7.88
C MET A 113 -21.55 -2.09 7.16
N HIS A 114 -21.54 -2.04 5.83
CA HIS A 114 -22.52 -2.76 5.02
C HIS A 114 -22.15 -2.67 3.55
N GLY A 115 -21.17 -3.46 3.13
CA GLY A 115 -20.73 -3.42 1.75
C GLY A 115 -19.95 -2.16 1.44
N THR A 116 -19.64 -1.42 2.50
CA THR A 116 -18.93 -0.16 2.39
C THR A 116 -18.48 0.25 3.79
ZN ZN B . 6.32 9.96 3.32
N VAL A 3 -3.13 -5.65 -13.78
CA VAL A 3 -2.86 -6.71 -12.80
C VAL A 3 -1.40 -7.14 -12.85
N SER A 4 -0.77 -7.19 -11.69
CA SER A 4 0.58 -7.71 -11.60
C SER A 4 0.54 -9.15 -11.09
N LYS A 5 1.23 -10.04 -11.80
CA LYS A 5 1.24 -11.46 -11.46
C LYS A 5 1.92 -11.69 -10.12
N TYR A 6 2.87 -10.81 -9.80
CA TYR A 6 3.62 -10.88 -8.55
C TYR A 6 2.69 -10.79 -7.34
N ALA A 7 1.49 -10.27 -7.55
CA ALA A 7 0.54 -10.07 -6.46
C ALA A 7 -0.31 -11.31 -6.22
N ASN A 8 -0.28 -12.24 -7.16
CA ASN A 8 -1.12 -13.45 -7.05
C ASN A 8 -0.61 -14.36 -5.95
N ASN A 9 0.69 -14.63 -5.96
CA ASN A 9 1.31 -15.48 -4.96
C ASN A 9 2.38 -14.75 -4.19
N LEU A 10 2.08 -13.53 -3.78
CA LEU A 10 3.00 -12.72 -2.99
C LEU A 10 3.16 -13.28 -1.58
N THR A 11 4.15 -12.77 -0.86
CA THR A 11 4.40 -13.19 0.49
C THR A 11 3.90 -12.14 1.47
N GLN A 12 3.27 -12.59 2.55
CA GLN A 12 2.82 -11.69 3.60
C GLN A 12 3.81 -11.73 4.75
N LEU A 13 4.19 -10.57 5.24
CA LEU A 13 5.21 -10.46 6.26
C LEU A 13 4.77 -9.55 7.40
N ASP A 14 4.97 -10.01 8.63
CA ASP A 14 4.73 -9.18 9.79
C ASP A 14 6.07 -8.80 10.40
N ASN A 15 6.56 -7.62 10.06
CA ASN A 15 7.83 -7.16 10.58
C ASN A 15 7.64 -5.89 11.40
N GLY A 16 6.92 -6.04 12.51
CA GLY A 16 6.66 -4.90 13.38
C GLY A 16 5.48 -4.08 12.87
N VAL A 17 4.85 -4.56 11.80
CA VAL A 17 3.75 -3.85 11.18
C VAL A 17 2.53 -3.78 12.09
N ARG A 18 2.18 -2.56 12.46
CA ARG A 18 0.98 -2.30 13.22
C ARG A 18 0.19 -1.20 12.53
N ILE A 19 -0.80 -1.58 11.76
CA ILE A 19 -1.61 -0.62 11.03
C ILE A 19 -2.52 0.14 12.01
N PRO A 20 -2.52 1.49 11.91
CA PRO A 20 -3.26 2.33 12.85
C PRO A 20 -4.73 2.46 12.48
N PRO A 21 -5.56 2.82 13.48
CA PRO A 21 -7.01 2.96 13.31
C PRO A 21 -7.39 4.06 12.31
N SER A 22 -6.39 4.78 11.82
CA SER A 22 -6.62 5.77 10.78
C SER A 22 -6.88 5.06 9.46
N GLY A 23 -6.46 3.79 9.41
CA GLY A 23 -6.61 2.99 8.21
C GLY A 23 -5.41 3.14 7.30
N TRP A 24 -4.73 4.27 7.40
CA TRP A 24 -3.54 4.53 6.63
C TRP A 24 -2.82 5.78 7.11
N LYS A 25 -1.49 5.74 6.96
CA LYS A 25 -0.60 6.88 7.13
C LYS A 25 0.83 6.39 7.09
N CYS A 26 1.67 7.15 6.42
CA CYS A 26 3.06 6.81 6.23
C CYS A 26 3.82 6.79 7.56
N ALA A 27 4.72 5.82 7.66
CA ALA A 27 5.48 5.57 8.89
C ALA A 27 6.45 6.72 9.24
N ARG A 28 6.81 7.52 8.25
CA ARG A 28 7.71 8.63 8.46
C ARG A 28 6.95 9.96 8.51
N CYS A 29 6.86 10.60 7.35
CA CYS A 29 6.18 11.88 7.19
C CYS A 29 4.67 11.73 7.36
N ASP A 30 4.04 12.79 7.85
CA ASP A 30 2.62 12.74 8.19
C ASP A 30 1.77 13.18 7.00
N LEU A 31 1.85 12.44 5.92
CA LEU A 31 0.96 12.63 4.80
C LEU A 31 -0.23 11.70 4.92
N ARG A 32 -1.40 12.23 4.64
CA ARG A 32 -2.64 11.49 4.74
C ARG A 32 -3.08 11.04 3.35
N GLU A 33 -2.24 11.35 2.38
CA GLU A 33 -2.56 11.15 0.98
C GLU A 33 -1.37 10.58 0.24
N ASN A 34 -1.62 9.97 -0.92
CA ASN A 34 -0.57 9.37 -1.74
C ASN A 34 0.30 8.45 -0.90
N LEU A 35 -0.35 7.48 -0.29
CA LEU A 35 0.31 6.54 0.60
C LEU A 35 0.41 5.18 -0.08
N TRP A 36 1.51 4.49 0.14
CA TRP A 36 1.70 3.18 -0.44
C TRP A 36 1.71 2.13 0.66
N LEU A 37 0.63 1.36 0.75
CA LEU A 37 0.52 0.28 1.72
C LEU A 37 1.14 -0.98 1.12
N ASN A 38 2.33 -1.35 1.58
CA ASN A 38 3.04 -2.49 1.04
C ASN A 38 2.21 -3.78 1.14
N LEU A 39 2.28 -4.59 0.09
CA LEU A 39 1.48 -5.80 -0.03
C LEU A 39 2.03 -6.92 0.84
N THR A 40 3.25 -6.74 1.31
CA THR A 40 3.94 -7.78 2.06
C THR A 40 3.98 -7.48 3.56
N ASP A 41 4.84 -6.55 3.94
CA ASP A 41 5.16 -6.32 5.35
C ASP A 41 4.37 -5.14 5.93
N GLY A 42 3.44 -4.61 5.16
CA GLY A 42 2.56 -3.55 5.63
C GLY A 42 3.26 -2.21 5.79
N SER A 43 4.43 -2.05 5.17
CA SER A 43 5.11 -0.76 5.19
C SER A 43 4.29 0.29 4.43
N VAL A 44 3.57 1.11 5.18
CA VAL A 44 2.81 2.21 4.61
C VAL A 44 3.69 3.44 4.54
N LEU A 45 3.93 3.91 3.33
CA LEU A 45 4.81 5.04 3.09
C LEU A 45 4.07 6.08 2.28
N CYS A 46 4.71 7.19 1.93
CA CYS A 46 4.00 8.22 1.15
C CYS A 46 4.93 8.90 0.16
N GLY A 47 4.38 9.82 -0.61
CA GLY A 47 5.20 10.64 -1.48
C GLY A 47 5.02 10.31 -2.96
N LYS A 48 4.11 11.03 -3.61
CA LYS A 48 3.98 10.94 -5.06
C LYS A 48 4.95 11.91 -5.71
N TRP A 49 5.12 13.05 -5.04
CA TRP A 49 6.07 14.07 -5.47
C TRP A 49 7.38 13.91 -4.71
N PHE A 50 8.43 14.50 -5.23
CA PHE A 50 9.76 14.35 -4.64
C PHE A 50 9.97 15.38 -3.52
N PHE A 51 9.16 15.24 -2.46
CA PHE A 51 9.17 16.14 -1.30
C PHE A 51 8.54 17.49 -1.63
N ASP A 52 8.96 18.07 -2.75
CA ASP A 52 8.38 19.31 -3.30
C ASP A 52 8.65 20.51 -2.40
N SER A 53 7.88 20.63 -1.34
CA SER A 53 8.03 21.72 -0.39
C SER A 53 8.09 21.16 1.03
N SER A 54 7.12 20.32 1.35
CA SER A 54 7.05 19.67 2.64
C SER A 54 6.07 18.50 2.57
N GLY A 55 6.54 17.30 2.85
CA GLY A 55 5.68 16.14 2.80
C GLY A 55 6.27 15.05 1.93
N GLY A 56 6.75 14.00 2.57
CA GLY A 56 7.32 12.88 1.84
C GLY A 56 8.78 12.70 2.18
N ASN A 57 9.43 11.67 1.65
CA ASN A 57 10.76 11.28 2.09
C ASN A 57 11.28 10.14 1.21
N GLY A 58 12.48 9.64 1.51
CA GLY A 58 13.08 8.58 0.70
C GLY A 58 12.70 7.18 1.17
N HIS A 59 11.74 7.10 2.09
CA HIS A 59 11.23 5.82 2.60
C HIS A 59 10.92 4.81 1.49
N ALA A 60 10.27 5.25 0.42
CA ALA A 60 9.90 4.35 -0.67
C ALA A 60 11.14 3.77 -1.32
N LEU A 61 12.16 4.60 -1.49
CA LEU A 61 13.44 4.16 -2.03
C LEU A 61 14.10 3.18 -1.08
N GLU A 62 14.13 3.55 0.19
CA GLU A 62 14.64 2.69 1.25
C GLU A 62 13.98 1.32 1.21
N HIS A 63 12.65 1.30 1.13
CA HIS A 63 11.90 0.05 1.04
C HIS A 63 12.33 -0.75 -0.18
N TYR A 64 12.39 -0.07 -1.32
CA TYR A 64 12.74 -0.69 -2.59
C TYR A 64 14.14 -1.31 -2.53
N ARG A 65 15.07 -0.60 -1.91
CA ARG A 65 16.45 -1.06 -1.84
C ARG A 65 16.67 -2.08 -0.74
N ASP A 66 16.00 -1.91 0.40
CA ASP A 66 16.21 -2.78 1.55
C ASP A 66 15.57 -4.15 1.34
N MET A 67 14.27 -4.17 1.12
CA MET A 67 13.57 -5.44 0.92
C MET A 67 13.16 -5.61 -0.52
N GLY A 68 12.68 -4.53 -1.10
CA GLY A 68 12.12 -4.58 -2.43
C GLY A 68 10.61 -4.56 -2.37
N TYR A 69 10.03 -5.76 -2.47
CA TYR A 69 8.58 -5.94 -2.52
C TYR A 69 7.89 -4.83 -3.30
N PRO A 70 7.96 -4.92 -4.63
CA PRO A 70 7.53 -3.87 -5.56
C PRO A 70 6.01 -3.73 -5.70
N LEU A 71 5.29 -3.87 -4.60
CA LEU A 71 3.84 -3.78 -4.65
C LEU A 71 3.33 -3.01 -3.43
N ALA A 72 2.56 -1.97 -3.68
CA ALA A 72 2.00 -1.16 -2.61
C ALA A 72 0.64 -0.59 -3.03
N VAL A 73 -0.30 -0.59 -2.12
CA VAL A 73 -1.64 -0.07 -2.41
C VAL A 73 -1.67 1.43 -2.20
N LYS A 74 -1.98 2.16 -3.25
CA LYS A 74 -2.08 3.60 -3.17
C LYS A 74 -3.34 3.99 -2.42
N LEU A 75 -3.18 4.21 -1.13
CA LEU A 75 -4.29 4.45 -0.22
C LEU A 75 -5.02 5.73 -0.56
N GLY A 76 -6.29 5.78 -0.18
CA GLY A 76 -7.13 6.89 -0.56
C GLY A 76 -8.00 6.57 -1.77
N THR A 77 -7.65 5.48 -2.46
CA THR A 77 -8.38 5.07 -3.65
C THR A 77 -9.11 3.76 -3.40
N ILE A 78 -9.14 3.36 -2.13
CA ILE A 78 -9.69 2.07 -1.76
C ILE A 78 -11.21 2.09 -1.82
N THR A 79 -11.74 1.36 -2.78
CA THR A 79 -13.17 1.23 -2.96
C THR A 79 -13.51 -0.23 -3.29
N PRO A 80 -14.77 -0.65 -3.08
CA PRO A 80 -15.19 -2.05 -3.23
C PRO A 80 -14.75 -2.68 -4.57
N ASP A 81 -14.98 -1.93 -5.65
CA ASP A 81 -14.59 -2.38 -6.99
C ASP A 81 -13.11 -2.74 -7.04
N GLY A 82 -12.29 -1.87 -6.48
CA GLY A 82 -10.87 -2.09 -6.45
C GLY A 82 -10.12 -0.82 -6.14
N ALA A 83 -8.96 -0.97 -5.51
CA ALA A 83 -8.12 0.17 -5.20
C ALA A 83 -7.05 0.32 -6.25
N ASP A 84 -6.39 1.46 -6.25
CA ASP A 84 -5.32 1.74 -7.19
C ASP A 84 -4.01 1.25 -6.61
N VAL A 85 -3.57 0.09 -7.07
CA VAL A 85 -2.33 -0.49 -6.56
C VAL A 85 -1.16 -0.02 -7.41
N TYR A 86 -0.06 0.35 -6.77
CA TYR A 86 1.09 0.84 -7.49
C TYR A 86 2.20 -0.19 -7.47
N SER A 87 2.78 -0.42 -8.62
CA SER A 87 3.88 -1.36 -8.75
C SER A 87 5.19 -0.59 -8.81
N PHE A 88 6.22 -1.09 -8.13
CA PHE A 88 7.53 -0.45 -8.16
C PHE A 88 8.43 -1.16 -9.18
N GLN A 89 8.09 -2.39 -9.50
CA GLN A 89 8.84 -3.16 -10.49
C GLN A 89 8.42 -2.72 -11.89
N GLU A 90 7.12 -2.63 -12.10
CA GLU A 90 6.58 -2.18 -13.37
C GLU A 90 6.45 -0.67 -13.39
N GLU A 91 6.40 -0.10 -12.18
CA GLU A 91 6.31 1.35 -11.97
C GLU A 91 5.05 1.92 -12.61
N GLU A 92 4.02 1.08 -12.69
CA GLU A 92 2.73 1.48 -13.24
C GLU A 92 1.62 1.07 -12.27
N PRO A 93 0.40 1.58 -12.46
CA PRO A 93 -0.75 1.11 -11.69
C PRO A 93 -1.08 -0.34 -12.01
N VAL A 94 -1.03 -1.17 -10.98
CA VAL A 94 -1.34 -2.59 -11.12
C VAL A 94 -2.51 -2.94 -10.22
N LEU A 95 -2.80 -4.22 -10.11
CA LEU A 95 -3.89 -4.69 -9.29
C LEU A 95 -3.56 -6.05 -8.70
N ASP A 96 -3.94 -6.25 -7.45
CA ASP A 96 -3.77 -7.53 -6.78
C ASP A 96 -4.95 -8.43 -7.14
N PRO A 97 -4.68 -9.54 -7.83
CA PRO A 97 -5.71 -10.52 -8.21
C PRO A 97 -6.50 -11.04 -7.02
N HIS A 98 -5.93 -10.86 -5.83
CA HIS A 98 -6.59 -11.23 -4.60
C HIS A 98 -6.45 -10.10 -3.59
N LEU A 99 -7.11 -8.97 -3.86
CA LEU A 99 -7.15 -7.84 -2.94
C LEU A 99 -7.62 -8.30 -1.57
N ALA A 100 -8.62 -9.16 -1.58
CA ALA A 100 -9.17 -9.74 -0.36
C ALA A 100 -8.08 -10.39 0.49
N LYS A 101 -7.08 -10.98 -0.17
CA LYS A 101 -5.97 -11.62 0.52
C LYS A 101 -5.15 -10.63 1.33
N HIS A 102 -4.84 -9.52 0.70
CA HIS A 102 -4.04 -8.47 1.33
C HIS A 102 -4.80 -7.86 2.50
N LEU A 103 -6.10 -7.67 2.30
CA LEU A 103 -6.94 -7.04 3.30
C LEU A 103 -7.30 -8.04 4.40
N ALA A 104 -7.38 -9.31 4.02
CA ALA A 104 -7.69 -10.39 4.97
C ALA A 104 -6.66 -10.44 6.08
N HIS A 105 -5.40 -10.28 5.72
CA HIS A 105 -4.31 -10.24 6.71
C HIS A 105 -4.49 -9.05 7.65
N PHE A 106 -5.38 -8.13 7.27
CA PHE A 106 -5.62 -6.93 8.05
C PHE A 106 -7.02 -6.94 8.67
N GLY A 107 -7.83 -7.91 8.26
CA GLY A 107 -9.21 -7.97 8.71
C GLY A 107 -10.10 -7.01 7.95
N ILE A 108 -9.53 -6.39 6.92
CA ILE A 108 -10.24 -5.40 6.12
C ILE A 108 -11.11 -6.06 5.06
N ASP A 109 -12.28 -5.49 4.84
CA ASP A 109 -13.20 -5.96 3.82
C ASP A 109 -13.68 -4.83 2.95
N MET A 110 -13.67 -5.05 1.65
CA MET A 110 -14.01 -4.02 0.69
C MET A 110 -15.49 -3.68 0.75
N LEU A 111 -16.32 -4.69 0.96
CA LEU A 111 -17.75 -4.54 0.86
C LEU A 111 -18.36 -4.10 2.20
N HIS A 112 -17.51 -3.96 3.20
CA HIS A 112 -17.97 -3.54 4.53
C HIS A 112 -18.43 -2.08 4.51
N MET A 113 -17.97 -1.33 3.51
CA MET A 113 -18.37 0.06 3.37
C MET A 113 -19.63 0.17 2.52
N HIS A 114 -20.02 -0.96 1.92
CA HIS A 114 -21.18 -1.03 1.03
C HIS A 114 -21.08 0.00 -0.09
N GLY A 115 -20.40 -0.37 -1.16
CA GLY A 115 -20.28 0.51 -2.30
C GLY A 115 -20.60 -0.21 -3.60
N THR A 116 -19.94 -1.35 -3.80
CA THR A 116 -20.05 -2.15 -5.02
C THR A 116 -20.03 -1.26 -6.28
ZN ZN B . 6.14 9.61 3.97
N VAL A 3 -2.67 -6.38 -14.88
CA VAL A 3 -2.50 -7.22 -13.69
C VAL A 3 -1.04 -7.68 -13.58
N SER A 4 -0.43 -7.39 -12.45
CA SER A 4 0.93 -7.82 -12.19
C SER A 4 0.94 -9.27 -11.73
N LYS A 5 1.69 -10.12 -12.42
CA LYS A 5 1.77 -11.52 -12.05
C LYS A 5 2.68 -11.71 -10.83
N TYR A 6 3.39 -10.64 -10.48
CA TYR A 6 4.10 -10.60 -9.21
C TYR A 6 3.11 -10.61 -8.05
N ALA A 7 1.88 -10.24 -8.35
CA ALA A 7 0.81 -10.25 -7.35
C ALA A 7 0.26 -11.65 -7.18
N ASN A 8 0.36 -12.46 -8.24
CA ASN A 8 -0.20 -13.81 -8.23
C ASN A 8 0.40 -14.61 -7.08
N ASN A 9 1.72 -14.57 -6.97
CA ASN A 9 2.40 -15.19 -5.84
C ASN A 9 3.34 -14.18 -5.20
N LEU A 10 2.76 -13.25 -4.47
CA LEU A 10 3.53 -12.27 -3.72
C LEU A 10 3.91 -12.85 -2.35
N THR A 11 4.67 -12.09 -1.58
CA THR A 11 5.09 -12.54 -0.28
C THR A 11 4.39 -11.73 0.81
N GLN A 12 3.81 -12.43 1.78
CA GLN A 12 3.19 -11.78 2.93
C GLN A 12 4.11 -11.89 4.14
N LEU A 13 4.55 -10.75 4.66
CA LEU A 13 5.55 -10.71 5.70
C LEU A 13 5.06 -9.93 6.91
N ASP A 14 4.63 -10.65 7.94
CA ASP A 14 4.29 -10.02 9.21
C ASP A 14 5.56 -9.83 10.04
N ASN A 15 6.11 -8.64 9.97
CA ASN A 15 7.35 -8.33 10.66
C ASN A 15 7.24 -6.96 11.32
N GLY A 16 6.64 -6.94 12.51
CA GLY A 16 6.47 -5.70 13.23
C GLY A 16 5.35 -4.86 12.65
N VAL A 17 4.49 -5.50 11.87
CA VAL A 17 3.44 -4.80 11.17
C VAL A 17 2.19 -4.66 12.02
N ARG A 18 1.70 -3.43 12.12
CA ARG A 18 0.46 -3.14 12.83
C ARG A 18 -0.39 -2.21 11.98
N ILE A 19 -1.32 -2.80 11.24
CA ILE A 19 -2.17 -2.02 10.34
C ILE A 19 -3.50 -1.68 11.02
N PRO A 20 -3.87 -0.40 11.01
CA PRO A 20 -5.14 0.05 11.52
C PRO A 20 -6.23 0.06 10.44
N PRO A 21 -7.49 -0.03 10.86
CA PRO A 21 -8.63 0.05 9.95
C PRO A 21 -8.89 1.48 9.49
N SER A 22 -8.09 2.41 9.99
CA SER A 22 -8.25 3.82 9.71
C SER A 22 -7.03 4.60 10.21
N GLY A 23 -6.86 5.81 9.71
CA GLY A 23 -5.74 6.63 10.14
C GLY A 23 -4.42 6.19 9.54
N TRP A 24 -4.44 5.93 8.24
CA TRP A 24 -3.23 5.51 7.53
C TRP A 24 -2.21 6.63 7.52
N LYS A 25 -0.95 6.29 7.43
CA LYS A 25 0.12 7.28 7.45
C LYS A 25 1.45 6.62 7.17
N CYS A 26 2.29 7.32 6.42
CA CYS A 26 3.56 6.77 6.01
C CYS A 26 4.54 6.72 7.18
N ALA A 27 5.54 5.87 7.06
CA ALA A 27 6.55 5.69 8.09
C ALA A 27 7.14 7.02 8.56
N ARG A 28 7.70 7.79 7.62
CA ARG A 28 8.38 9.04 7.96
C ARG A 28 7.43 10.22 8.12
N CYS A 29 7.12 10.91 7.01
CA CYS A 29 6.31 12.13 7.03
C CYS A 29 4.92 11.92 7.64
N ASP A 30 4.29 13.03 7.98
CA ASP A 30 2.95 13.02 8.55
C ASP A 30 1.91 13.25 7.45
N LEU A 31 1.98 12.42 6.43
CA LEU A 31 0.99 12.46 5.37
C LEU A 31 -0.18 11.54 5.70
N ARG A 32 -1.37 12.06 5.50
CA ARG A 32 -2.59 11.37 5.84
C ARG A 32 -3.23 10.78 4.59
N GLU A 33 -2.60 11.06 3.45
CA GLU A 33 -3.15 10.73 2.15
C GLU A 33 -2.00 10.46 1.17
N ASN A 34 -2.31 9.88 0.01
CA ASN A 34 -1.31 9.57 -1.01
C ASN A 34 -0.25 8.62 -0.44
N LEU A 35 -0.73 7.53 0.12
CA LEU A 35 0.14 6.61 0.83
C LEU A 35 0.18 5.26 0.13
N TRP A 36 1.19 4.46 0.44
CA TRP A 36 1.31 3.12 -0.11
C TRP A 36 1.23 2.09 0.99
N LEU A 37 0.21 1.25 0.94
CA LEU A 37 0.09 0.14 1.86
C LEU A 37 0.80 -1.07 1.25
N ASN A 38 1.98 -1.37 1.78
CA ASN A 38 2.81 -2.44 1.23
C ASN A 38 2.10 -3.80 1.26
N LEU A 39 2.28 -4.56 0.18
CA LEU A 39 1.60 -5.84 0.02
C LEU A 39 2.30 -6.95 0.77
N THR A 40 3.50 -6.67 1.25
CA THR A 40 4.30 -7.68 1.91
C THR A 40 4.35 -7.47 3.41
N ASP A 41 5.12 -6.47 3.85
CA ASP A 41 5.34 -6.29 5.27
C ASP A 41 4.44 -5.19 5.83
N GLY A 42 3.53 -4.71 4.98
CA GLY A 42 2.50 -3.79 5.42
C GLY A 42 2.98 -2.38 5.65
N SER A 43 4.22 -2.09 5.31
CA SER A 43 4.78 -0.76 5.49
C SER A 43 4.00 0.28 4.68
N VAL A 44 3.42 1.24 5.39
CA VAL A 44 2.68 2.32 4.77
C VAL A 44 3.64 3.46 4.46
N LEU A 45 3.71 3.82 3.20
CA LEU A 45 4.63 4.85 2.74
C LEU A 45 3.83 5.94 2.03
N CYS A 46 4.49 6.86 1.34
CA CYS A 46 3.76 7.94 0.67
C CYS A 46 4.39 8.24 -0.68
N GLY A 47 3.69 9.04 -1.47
CA GLY A 47 4.14 9.33 -2.82
C GLY A 47 4.96 10.60 -2.92
N LYS A 48 5.28 10.98 -4.14
CA LYS A 48 6.11 12.15 -4.39
C LYS A 48 5.25 13.39 -4.56
N TRP A 49 4.02 13.32 -4.06
CA TRP A 49 3.11 14.45 -4.11
C TRP A 49 3.22 15.24 -2.82
N PHE A 50 4.01 16.29 -2.86
CA PHE A 50 4.36 17.04 -1.67
C PHE A 50 3.21 17.89 -1.16
N PHE A 51 2.65 17.48 -0.04
CA PHE A 51 1.71 18.32 0.70
C PHE A 51 2.48 19.47 1.33
N ASP A 52 3.72 19.18 1.68
CA ASP A 52 4.62 20.16 2.27
C ASP A 52 6.05 19.73 1.98
N SER A 53 7.02 20.60 2.19
CA SER A 53 8.43 20.23 2.00
C SER A 53 8.79 19.07 2.91
N SER A 54 8.20 19.06 4.10
CA SER A 54 8.44 17.99 5.06
C SER A 54 7.27 17.01 5.05
N GLY A 55 6.40 17.16 4.06
CA GLY A 55 5.22 16.31 3.97
C GLY A 55 5.19 15.51 2.69
N GLY A 56 6.03 14.47 2.64
CA GLY A 56 6.09 13.61 1.48
C GLY A 56 7.51 13.22 1.15
N ASN A 57 7.70 11.98 0.75
CA ASN A 57 9.03 11.44 0.49
C ASN A 57 8.93 10.05 -0.12
N GLY A 58 9.68 9.81 -1.19
CA GLY A 58 9.64 8.54 -1.90
C GLY A 58 10.21 7.40 -1.06
N HIS A 59 9.36 6.83 -0.21
CA HIS A 59 9.77 5.74 0.67
C HIS A 59 9.85 4.43 -0.11
N ALA A 60 9.10 4.34 -1.19
CA ALA A 60 9.01 3.09 -1.96
C ALA A 60 10.39 2.65 -2.43
N LEU A 61 11.17 3.61 -2.92
CA LEU A 61 12.54 3.35 -3.34
C LEU A 61 13.37 2.82 -2.17
N GLU A 62 13.32 3.56 -1.07
CA GLU A 62 14.07 3.21 0.12
C GLU A 62 13.62 1.86 0.68
N HIS A 63 12.33 1.58 0.59
CA HIS A 63 11.79 0.33 1.11
C HIS A 63 12.13 -0.83 0.18
N TYR A 64 12.39 -0.50 -1.08
CA TYR A 64 12.88 -1.46 -2.05
C TYR A 64 14.31 -1.82 -1.67
N ARG A 65 14.97 -0.88 -1.03
CA ARG A 65 16.31 -1.09 -0.51
C ARG A 65 16.26 -1.92 0.78
N ASP A 66 15.24 -1.68 1.59
CA ASP A 66 15.05 -2.41 2.85
C ASP A 66 14.62 -3.85 2.61
N MET A 67 13.49 -4.00 1.92
CA MET A 67 12.88 -5.31 1.74
C MET A 67 12.98 -5.77 0.29
N GLY A 68 12.73 -4.85 -0.63
CA GLY A 68 12.84 -5.19 -2.04
C GLY A 68 11.50 -5.56 -2.65
N TYR A 69 10.46 -5.57 -1.83
CA TYR A 69 9.13 -5.94 -2.30
C TYR A 69 8.41 -4.75 -2.95
N PRO A 70 8.27 -4.81 -4.28
CA PRO A 70 7.83 -3.69 -5.11
C PRO A 70 6.31 -3.62 -5.30
N LEU A 71 5.54 -3.76 -4.24
CA LEU A 71 4.09 -3.78 -4.36
C LEU A 71 3.43 -3.00 -3.22
N ALA A 72 2.59 -2.03 -3.57
CA ALA A 72 1.94 -1.20 -2.56
C ALA A 72 0.60 -0.68 -3.04
N VAL A 73 -0.35 -0.54 -2.11
CA VAL A 73 -1.69 -0.03 -2.41
C VAL A 73 -1.77 1.47 -2.17
N LYS A 74 -2.19 2.23 -3.17
CA LYS A 74 -2.39 3.67 -2.98
C LYS A 74 -3.59 3.91 -2.10
N LEU A 75 -3.33 4.25 -0.85
CA LEU A 75 -4.37 4.47 0.12
C LEU A 75 -5.15 5.74 -0.21
N GLY A 76 -6.39 5.77 0.24
CA GLY A 76 -7.29 6.84 -0.11
C GLY A 76 -8.18 6.49 -1.29
N THR A 77 -7.77 5.52 -2.10
CA THR A 77 -8.50 5.15 -3.30
C THR A 77 -9.24 3.83 -3.10
N ILE A 78 -9.11 3.30 -1.88
CA ILE A 78 -9.68 2.01 -1.53
C ILE A 78 -11.19 2.03 -1.64
N THR A 79 -11.70 1.33 -2.64
CA THR A 79 -13.12 1.21 -2.88
C THR A 79 -13.49 -0.27 -2.96
N PRO A 80 -14.78 -0.64 -2.83
CA PRO A 80 -15.21 -2.04 -2.80
C PRO A 80 -14.63 -2.88 -3.94
N ASP A 81 -14.58 -2.28 -5.13
CA ASP A 81 -14.00 -2.96 -6.30
C ASP A 81 -12.51 -3.23 -6.09
N GLY A 82 -11.80 -2.18 -5.75
CA GLY A 82 -10.37 -2.28 -5.54
C GLY A 82 -9.75 -0.92 -5.32
N ALA A 83 -8.43 -0.85 -5.38
CA ALA A 83 -7.72 0.41 -5.21
C ALA A 83 -6.59 0.52 -6.21
N ASP A 84 -5.95 1.68 -6.25
CA ASP A 84 -4.83 1.89 -7.15
C ASP A 84 -3.60 1.17 -6.65
N VAL A 85 -3.31 0.02 -7.22
CA VAL A 85 -2.15 -0.75 -6.85
C VAL A 85 -0.95 -0.26 -7.65
N TYR A 86 0.13 0.06 -6.97
CA TYR A 86 1.31 0.54 -7.65
C TYR A 86 2.43 -0.50 -7.59
N SER A 87 2.97 -0.81 -8.76
CA SER A 87 4.08 -1.70 -8.87
C SER A 87 5.36 -0.86 -8.96
N PHE A 88 6.34 -1.15 -8.13
CA PHE A 88 7.54 -0.33 -8.10
C PHE A 88 8.58 -0.84 -9.08
N GLN A 89 8.70 -2.17 -9.17
CA GLN A 89 9.69 -2.78 -10.04
C GLN A 89 9.29 -2.62 -11.50
N GLU A 90 7.99 -2.66 -11.75
CA GLU A 90 7.47 -2.48 -13.10
C GLU A 90 7.12 -1.01 -13.33
N GLU A 91 7.03 -0.29 -12.21
CA GLU A 91 6.79 1.15 -12.18
C GLU A 91 5.54 1.55 -12.96
N GLU A 92 4.50 0.74 -12.82
CA GLU A 92 3.24 1.01 -13.48
C GLU A 92 2.08 0.74 -12.53
N PRO A 93 0.93 1.39 -12.73
CA PRO A 93 -0.28 1.07 -12.00
C PRO A 93 -0.76 -0.33 -12.36
N VAL A 94 -0.81 -1.20 -11.37
CA VAL A 94 -1.16 -2.58 -11.60
C VAL A 94 -2.43 -2.94 -10.83
N LEU A 95 -2.79 -4.20 -10.86
CA LEU A 95 -3.96 -4.68 -10.17
C LEU A 95 -3.64 -5.98 -9.45
N ASP A 96 -3.83 -5.98 -8.14
CA ASP A 96 -3.64 -7.20 -7.36
C ASP A 96 -4.96 -7.94 -7.23
N PRO A 97 -5.01 -9.16 -7.76
CA PRO A 97 -6.18 -10.03 -7.63
C PRO A 97 -6.41 -10.48 -6.18
N HIS A 98 -5.57 -10.00 -5.27
CA HIS A 98 -5.65 -10.41 -3.87
C HIS A 98 -5.78 -9.20 -2.95
N LEU A 99 -6.32 -8.11 -3.46
CA LEU A 99 -6.55 -6.92 -2.64
C LEU A 99 -7.40 -7.27 -1.43
N ALA A 100 -8.47 -8.02 -1.67
CA ALA A 100 -9.37 -8.43 -0.60
C ALA A 100 -8.66 -9.39 0.35
N LYS A 101 -7.74 -10.16 -0.22
CA LYS A 101 -6.97 -11.13 0.54
C LYS A 101 -5.98 -10.42 1.46
N HIS A 102 -5.33 -9.39 0.93
CA HIS A 102 -4.37 -8.62 1.71
C HIS A 102 -5.07 -7.94 2.88
N LEU A 103 -6.30 -7.50 2.64
CA LEU A 103 -7.10 -6.84 3.66
C LEU A 103 -7.71 -7.86 4.61
N ALA A 104 -8.02 -9.03 4.07
CA ALA A 104 -8.59 -10.11 4.88
C ALA A 104 -7.66 -10.52 5.99
N HIS A 105 -6.37 -10.54 5.70
CA HIS A 105 -5.36 -10.85 6.72
C HIS A 105 -5.34 -9.74 7.78
N PHE A 106 -5.94 -8.61 7.43
CA PHE A 106 -5.96 -7.44 8.30
C PHE A 106 -7.31 -7.33 9.01
N GLY A 107 -8.27 -8.12 8.55
CA GLY A 107 -9.62 -8.03 9.07
C GLY A 107 -10.37 -6.87 8.46
N ILE A 108 -9.82 -6.32 7.39
CA ILE A 108 -10.43 -5.21 6.69
C ILE A 108 -11.36 -5.71 5.59
N ASP A 109 -12.63 -5.35 5.70
CA ASP A 109 -13.61 -5.71 4.70
C ASP A 109 -13.94 -4.51 3.82
N MET A 110 -13.80 -4.68 2.51
CA MET A 110 -14.30 -3.68 1.58
C MET A 110 -15.82 -3.73 1.56
N LEU A 111 -16.34 -4.94 1.43
CA LEU A 111 -17.77 -5.16 1.23
C LEU A 111 -18.51 -5.32 2.55
N HIS A 112 -17.95 -4.80 3.65
CA HIS A 112 -18.58 -4.93 4.95
C HIS A 112 -19.81 -4.03 5.03
N MET A 113 -19.59 -2.73 5.19
CA MET A 113 -20.67 -1.76 5.14
C MET A 113 -20.31 -0.60 4.22
N HIS A 114 -19.43 -0.89 3.27
CA HIS A 114 -19.07 0.07 2.24
C HIS A 114 -19.44 -0.49 0.87
N GLY A 115 -19.14 -1.77 0.67
CA GLY A 115 -19.53 -2.45 -0.55
C GLY A 115 -20.78 -3.28 -0.38
N THR A 116 -21.77 -2.70 0.28
CA THR A 116 -23.03 -3.38 0.51
C THR A 116 -23.90 -3.36 -0.74
ZN ZN B . 6.18 9.87 3.74
N VAL A 3 -2.99 -6.15 -14.73
CA VAL A 3 -2.93 -6.95 -13.49
C VAL A 3 -1.47 -7.29 -13.16
N SER A 4 -1.07 -7.07 -11.91
CA SER A 4 0.28 -7.40 -11.49
C SER A 4 0.46 -8.91 -11.44
N LYS A 5 1.35 -9.42 -12.27
CA LYS A 5 1.68 -10.84 -12.25
C LYS A 5 2.59 -11.13 -11.06
N TYR A 6 3.13 -10.06 -10.47
CA TYR A 6 3.98 -10.18 -9.29
C TYR A 6 3.12 -10.21 -8.03
N ALA A 7 1.81 -10.12 -8.19
CA ALA A 7 0.89 -10.06 -7.06
C ALA A 7 0.75 -11.42 -6.39
N ASN A 8 1.04 -12.48 -7.13
CA ASN A 8 0.98 -13.82 -6.56
C ASN A 8 2.36 -14.25 -6.05
N ASN A 9 3.40 -13.65 -6.60
CA ASN A 9 4.76 -14.00 -6.22
C ASN A 9 5.29 -12.98 -5.21
N LEU A 10 4.69 -12.96 -4.04
CA LEU A 10 5.15 -12.12 -2.96
C LEU A 10 5.02 -12.86 -1.65
N THR A 11 5.58 -12.29 -0.60
CA THR A 11 5.52 -12.89 0.72
C THR A 11 4.58 -12.09 1.62
N GLN A 12 3.79 -12.76 2.43
CA GLN A 12 3.07 -12.11 3.49
C GLN A 12 3.95 -12.09 4.72
N LEU A 13 4.44 -10.91 5.06
CA LEU A 13 5.49 -10.80 6.06
C LEU A 13 5.06 -9.92 7.23
N ASP A 14 4.97 -10.53 8.40
CA ASP A 14 4.78 -9.79 9.63
C ASP A 14 6.14 -9.35 10.15
N ASN A 15 6.52 -8.12 9.83
CA ASN A 15 7.83 -7.61 10.19
C ASN A 15 7.69 -6.30 10.94
N GLY A 16 7.15 -6.37 12.15
CA GLY A 16 6.90 -5.18 12.92
C GLY A 16 5.76 -4.37 12.35
N VAL A 17 4.91 -5.03 11.58
CA VAL A 17 3.76 -4.39 10.96
C VAL A 17 2.67 -4.11 11.97
N ARG A 18 2.42 -2.83 12.18
CA ARG A 18 1.36 -2.39 13.06
C ARG A 18 0.61 -1.27 12.38
N ILE A 19 -0.52 -1.61 11.80
CA ILE A 19 -1.32 -0.66 11.05
C ILE A 19 -1.99 0.31 12.02
N PRO A 20 -1.86 1.61 11.76
CA PRO A 20 -2.30 2.65 12.69
C PRO A 20 -3.80 2.89 12.63
N PRO A 21 -4.37 3.43 13.72
CA PRO A 21 -5.81 3.66 13.86
C PRO A 21 -6.39 4.59 12.79
N SER A 22 -5.53 5.19 11.98
CA SER A 22 -5.99 6.08 10.91
C SER A 22 -6.30 5.26 9.66
N GLY A 23 -5.94 3.98 9.69
CA GLY A 23 -6.17 3.08 8.58
C GLY A 23 -5.11 3.20 7.51
N TRP A 24 -4.49 4.37 7.42
CA TRP A 24 -3.39 4.61 6.52
C TRP A 24 -2.68 5.91 6.84
N LYS A 25 -1.35 5.84 6.79
CA LYS A 25 -0.50 6.99 6.90
C LYS A 25 0.95 6.56 6.80
N CYS A 26 1.72 7.32 6.06
CA CYS A 26 3.12 7.05 5.86
C CYS A 26 3.87 7.03 7.20
N ALA A 27 4.69 6.00 7.39
CA ALA A 27 5.42 5.79 8.64
C ALA A 27 6.38 6.93 8.97
N ARG A 28 6.65 7.79 8.02
CA ARG A 28 7.55 8.92 8.24
C ARG A 28 6.77 10.24 8.25
N CYS A 29 6.65 10.86 7.08
CA CYS A 29 5.92 12.11 6.92
C CYS A 29 4.43 11.95 7.20
N ASP A 30 3.82 13.06 7.60
CA ASP A 30 2.40 13.09 7.93
C ASP A 30 1.56 13.42 6.70
N LEU A 31 1.48 12.46 5.79
CA LEU A 31 0.56 12.54 4.70
C LEU A 31 -0.59 11.55 4.88
N ARG A 32 -1.79 12.00 4.64
CA ARG A 32 -2.98 11.20 4.85
C ARG A 32 -3.48 10.65 3.52
N GLU A 33 -2.76 11.00 2.47
CA GLU A 33 -3.17 10.71 1.10
C GLU A 33 -1.94 10.36 0.27
N ASN A 34 -2.17 9.70 -0.86
CA ASN A 34 -1.10 9.27 -1.76
C ASN A 34 -0.08 8.43 -1.01
N LEU A 35 -0.60 7.40 -0.36
CA LEU A 35 0.22 6.51 0.44
C LEU A 35 0.33 5.16 -0.25
N TRP A 36 1.40 4.45 0.04
CA TRP A 36 1.58 3.13 -0.53
C TRP A 36 1.64 2.08 0.57
N LEU A 37 0.62 1.24 0.61
CA LEU A 37 0.56 0.13 1.55
C LEU A 37 1.31 -1.05 0.95
N ASN A 38 2.50 -1.32 1.45
CA ASN A 38 3.33 -2.41 0.93
C ASN A 38 2.64 -3.76 1.15
N LEU A 39 2.51 -4.53 0.07
CA LEU A 39 1.71 -5.76 0.08
C LEU A 39 2.38 -6.87 0.87
N THR A 40 3.67 -6.74 1.11
CA THR A 40 4.42 -7.77 1.80
C THR A 40 4.43 -7.56 3.31
N ASP A 41 5.10 -6.52 3.77
CA ASP A 41 5.36 -6.34 5.20
C ASP A 41 4.50 -5.22 5.79
N GLY A 42 3.51 -4.78 5.03
CA GLY A 42 2.59 -3.76 5.51
C GLY A 42 3.25 -2.43 5.76
N SER A 43 4.32 -2.13 5.04
CA SER A 43 4.96 -0.84 5.14
C SER A 43 4.14 0.22 4.42
N VAL A 44 3.52 1.09 5.19
CA VAL A 44 2.73 2.16 4.64
C VAL A 44 3.58 3.43 4.53
N LEU A 45 3.87 3.79 3.31
CA LEU A 45 4.69 4.96 3.04
C LEU A 45 3.89 5.94 2.22
N CYS A 46 4.51 7.03 1.80
CA CYS A 46 3.79 7.99 0.95
C CYS A 46 4.62 8.27 -0.30
N GLY A 47 4.13 9.10 -1.22
CA GLY A 47 4.92 9.35 -2.42
C GLY A 47 4.31 10.34 -3.38
N LYS A 48 4.44 11.61 -3.06
CA LYS A 48 3.95 12.66 -3.92
C LYS A 48 5.05 13.17 -4.84
N TRP A 49 4.71 13.29 -6.12
CA TRP A 49 5.59 13.84 -7.15
C TRP A 49 6.84 13.01 -7.35
N PHE A 50 7.87 13.25 -6.55
CA PHE A 50 9.12 12.52 -6.65
C PHE A 50 9.87 12.57 -5.32
N PHE A 51 9.09 12.52 -4.24
CA PHE A 51 9.63 12.58 -2.88
C PHE A 51 10.38 13.89 -2.67
N ASP A 52 9.68 15.00 -2.92
CA ASP A 52 10.28 16.32 -2.91
C ASP A 52 10.35 16.92 -1.49
N SER A 53 9.35 17.68 -1.10
CA SER A 53 9.30 18.30 0.21
C SER A 53 7.86 18.48 0.67
N SER A 54 7.69 19.02 1.87
CA SER A 54 6.37 19.23 2.45
C SER A 54 5.64 17.90 2.57
N GLY A 55 6.37 16.89 3.01
CA GLY A 55 5.81 15.56 3.13
C GLY A 55 6.19 14.67 1.96
N GLY A 56 6.81 13.55 2.26
CA GLY A 56 7.09 12.57 1.24
C GLY A 56 8.58 12.28 1.10
N ASN A 57 9.16 11.75 2.17
CA ASN A 57 10.57 11.33 2.19
C ASN A 57 10.80 10.13 1.26
N GLY A 58 12.06 9.71 1.09
CA GLY A 58 12.37 8.65 0.14
C GLY A 58 12.26 7.25 0.72
N HIS A 59 11.30 7.07 1.62
CA HIS A 59 11.04 5.77 2.28
C HIS A 59 10.85 4.65 1.28
N ALA A 60 10.13 4.92 0.19
CA ALA A 60 9.79 3.88 -0.77
C ALA A 60 11.03 3.38 -1.48
N LEU A 61 11.99 4.27 -1.67
CA LEU A 61 13.27 3.92 -2.26
C LEU A 61 14.06 3.07 -1.30
N GLU A 62 14.15 3.54 -0.07
CA GLU A 62 14.87 2.84 0.98
C GLU A 62 14.25 1.47 1.26
N HIS A 63 12.92 1.41 1.26
CA HIS A 63 12.22 0.15 1.52
C HIS A 63 12.43 -0.82 0.37
N TYR A 64 12.57 -0.28 -0.83
CA TYR A 64 12.89 -1.07 -2.01
C TYR A 64 14.27 -1.69 -1.82
N ARG A 65 15.13 -0.94 -1.15
CA ARG A 65 16.47 -1.41 -0.80
C ARG A 65 16.40 -2.48 0.29
N ASP A 66 15.53 -2.25 1.29
CA ASP A 66 15.42 -3.15 2.43
C ASP A 66 14.82 -4.50 2.05
N MET A 67 13.60 -4.47 1.53
CA MET A 67 12.84 -5.70 1.34
C MET A 67 12.92 -6.19 -0.10
N GLY A 68 13.02 -5.26 -1.03
CA GLY A 68 13.07 -5.62 -2.43
C GLY A 68 11.71 -5.92 -3.02
N TYR A 69 10.70 -5.93 -2.15
CA TYR A 69 9.32 -6.20 -2.57
C TYR A 69 8.66 -4.93 -3.07
N PRO A 70 8.52 -4.82 -4.40
CA PRO A 70 8.07 -3.61 -5.09
C PRO A 70 6.59 -3.58 -5.38
N LEU A 71 5.76 -3.71 -4.35
CA LEU A 71 4.32 -3.71 -4.53
C LEU A 71 3.63 -2.99 -3.38
N ALA A 72 2.81 -2.00 -3.72
CA ALA A 72 2.14 -1.21 -2.71
C ALA A 72 0.82 -0.65 -3.22
N VAL A 73 -0.18 -0.66 -2.35
CA VAL A 73 -1.51 -0.15 -2.68
C VAL A 73 -1.58 1.34 -2.42
N LYS A 74 -1.99 2.11 -3.42
CA LYS A 74 -2.18 3.53 -3.25
C LYS A 74 -3.43 3.78 -2.43
N LEU A 75 -3.23 4.07 -1.16
CA LEU A 75 -4.30 4.24 -0.22
C LEU A 75 -5.09 5.50 -0.52
N GLY A 76 -6.32 5.54 -0.05
CA GLY A 76 -7.21 6.63 -0.37
C GLY A 76 -8.09 6.34 -1.57
N THR A 77 -7.82 5.21 -2.22
CA THR A 77 -8.61 4.79 -3.39
C THR A 77 -9.37 3.51 -3.08
N ILE A 78 -9.28 3.07 -1.84
CA ILE A 78 -9.87 1.81 -1.42
C ILE A 78 -11.39 1.93 -1.29
N THR A 79 -12.08 1.13 -2.08
CA THR A 79 -13.52 1.03 -2.03
C THR A 79 -13.87 -0.45 -2.15
N PRO A 80 -15.08 -0.88 -1.72
CA PRO A 80 -15.51 -2.28 -1.77
C PRO A 80 -15.49 -2.88 -3.18
N ASP A 81 -15.23 -2.05 -4.17
CA ASP A 81 -15.04 -2.51 -5.54
C ASP A 81 -13.60 -2.92 -5.76
N GLY A 82 -12.68 -2.02 -5.42
CA GLY A 82 -11.27 -2.30 -5.59
C GLY A 82 -10.43 -1.13 -5.12
N ALA A 83 -9.15 -1.14 -5.46
CA ALA A 83 -8.24 -0.07 -5.10
C ALA A 83 -7.18 0.12 -6.17
N ASP A 84 -6.51 1.27 -6.12
CA ASP A 84 -5.49 1.60 -7.09
C ASP A 84 -4.12 1.16 -6.57
N VAL A 85 -3.57 0.12 -7.17
CA VAL A 85 -2.30 -0.45 -6.72
C VAL A 85 -1.17 0.02 -7.62
N TYR A 86 0.01 0.24 -7.06
CA TYR A 86 1.14 0.67 -7.86
C TYR A 86 2.29 -0.32 -7.74
N SER A 87 2.90 -0.61 -8.87
CA SER A 87 4.03 -1.51 -8.91
C SER A 87 5.32 -0.70 -8.92
N PHE A 88 6.22 -0.95 -7.97
CA PHE A 88 7.41 -0.13 -7.82
C PHE A 88 8.55 -0.64 -8.72
N GLN A 89 8.45 -1.89 -9.14
CA GLN A 89 9.48 -2.46 -9.99
C GLN A 89 9.15 -2.21 -11.45
N GLU A 90 7.86 -2.34 -11.79
CA GLU A 90 7.40 -2.10 -13.15
C GLU A 90 7.09 -0.62 -13.35
N GLU A 91 6.97 0.09 -12.23
CA GLU A 91 6.79 1.54 -12.21
C GLU A 91 5.45 1.96 -12.84
N GLU A 92 4.50 1.05 -12.85
CA GLU A 92 3.18 1.31 -13.41
C GLU A 92 2.09 0.95 -12.39
N PRO A 93 0.90 1.54 -12.50
CA PRO A 93 -0.24 1.16 -11.67
C PRO A 93 -0.76 -0.22 -12.08
N VAL A 94 -0.79 -1.15 -11.14
CA VAL A 94 -1.13 -2.53 -11.45
C VAL A 94 -2.37 -2.97 -10.70
N LEU A 95 -2.92 -4.10 -11.14
CA LEU A 95 -4.13 -4.65 -10.55
C LEU A 95 -3.80 -5.83 -9.66
N ASP A 96 -4.46 -5.91 -8.51
CA ASP A 96 -4.29 -7.03 -7.60
C ASP A 96 -5.58 -7.83 -7.50
N PRO A 97 -5.57 -9.08 -7.99
CA PRO A 97 -6.73 -9.97 -7.96
C PRO A 97 -7.13 -10.40 -6.54
N HIS A 98 -6.23 -10.20 -5.59
CA HIS A 98 -6.48 -10.61 -4.21
C HIS A 98 -6.43 -9.43 -3.26
N LEU A 99 -7.05 -8.33 -3.66
CA LEU A 99 -7.15 -7.15 -2.81
C LEU A 99 -7.78 -7.53 -1.48
N ALA A 100 -8.92 -8.20 -1.54
CA ALA A 100 -9.66 -8.57 -0.34
C ALA A 100 -8.83 -9.50 0.55
N LYS A 101 -8.01 -10.32 -0.07
CA LYS A 101 -7.15 -11.24 0.67
C LYS A 101 -6.02 -10.47 1.35
N HIS A 102 -5.42 -9.55 0.63
CA HIS A 102 -4.32 -8.76 1.16
C HIS A 102 -4.80 -7.86 2.28
N LEU A 103 -5.95 -7.21 2.07
CA LEU A 103 -6.53 -6.34 3.07
C LEU A 103 -7.00 -7.16 4.28
N ALA A 104 -7.43 -8.38 4.01
CA ALA A 104 -7.84 -9.28 5.09
C ALA A 104 -6.68 -9.58 6.02
N HIS A 105 -5.48 -9.70 5.44
CA HIS A 105 -4.26 -9.91 6.24
C HIS A 105 -3.93 -8.66 7.06
N PHE A 106 -4.65 -7.58 6.77
CA PHE A 106 -4.44 -6.32 7.45
C PHE A 106 -5.64 -5.95 8.31
N GLY A 107 -6.68 -6.78 8.24
CA GLY A 107 -7.91 -6.50 8.96
C GLY A 107 -8.67 -5.34 8.34
N ILE A 108 -8.26 -4.97 7.13
CA ILE A 108 -8.89 -3.88 6.42
C ILE A 108 -10.14 -4.36 5.70
N ASP A 109 -11.30 -3.91 6.18
CA ASP A 109 -12.57 -4.32 5.62
C ASP A 109 -13.11 -3.26 4.68
N MET A 110 -13.30 -3.64 3.43
CA MET A 110 -13.81 -2.74 2.40
C MET A 110 -15.24 -2.34 2.71
N LEU A 111 -15.98 -3.30 3.22
CA LEU A 111 -17.40 -3.14 3.43
C LEU A 111 -17.69 -2.26 4.65
N HIS A 112 -16.69 -2.07 5.49
CA HIS A 112 -16.85 -1.25 6.67
C HIS A 112 -16.89 0.24 6.32
N MET A 113 -16.20 0.61 5.25
CA MET A 113 -16.05 2.01 4.89
C MET A 113 -17.03 2.43 3.79
N HIS A 114 -18.03 1.61 3.54
CA HIS A 114 -19.03 1.92 2.52
C HIS A 114 -20.24 1.02 2.67
N GLY A 115 -20.00 -0.29 2.60
CA GLY A 115 -21.07 -1.26 2.80
C GLY A 115 -22.02 -1.31 1.64
N THR A 116 -22.82 -0.26 1.50
CA THR A 116 -23.84 -0.19 0.47
C THR A 116 -23.35 0.64 -0.70
ZN ZN B . 6.30 9.83 3.55
N VAL A 3 -2.50 -5.70 -14.19
CA VAL A 3 -3.16 -6.61 -13.23
C VAL A 3 -2.25 -7.77 -12.89
N SER A 4 -2.22 -8.13 -11.60
CA SER A 4 -1.63 -9.37 -11.10
C SER A 4 -0.22 -9.65 -11.63
N LYS A 5 0.55 -8.60 -11.93
CA LYS A 5 1.93 -8.79 -12.39
C LYS A 5 2.76 -9.51 -11.34
N TYR A 6 2.57 -9.12 -10.09
CA TYR A 6 3.25 -9.79 -8.98
C TYR A 6 2.27 -10.06 -7.84
N ALA A 7 0.98 -10.04 -8.14
CA ALA A 7 -0.04 -10.22 -7.12
C ALA A 7 -0.04 -11.66 -6.59
N ASN A 8 0.27 -12.59 -7.47
CA ASN A 8 0.36 -13.99 -7.09
C ASN A 8 1.80 -14.34 -6.71
N ASN A 9 2.72 -13.52 -7.15
CA ASN A 9 4.15 -13.82 -7.01
C ASN A 9 4.75 -13.09 -5.81
N LEU A 10 3.91 -12.63 -4.90
CA LEU A 10 4.38 -11.91 -3.73
C LEU A 10 4.36 -12.77 -2.48
N THR A 11 5.06 -12.30 -1.47
CA THR A 11 5.02 -12.90 -0.14
C THR A 11 4.62 -11.84 0.88
N GLN A 12 3.62 -12.12 1.69
CA GLN A 12 3.25 -11.19 2.74
C GLN A 12 4.03 -11.52 4.02
N LEU A 13 4.84 -10.57 4.42
CA LEU A 13 5.77 -10.74 5.52
C LEU A 13 5.18 -10.17 6.81
N ASP A 14 4.90 -11.04 7.76
CA ASP A 14 4.40 -10.60 9.05
C ASP A 14 5.52 -10.02 9.89
N ASN A 15 5.66 -8.71 9.84
CA ASN A 15 6.67 -8.01 10.60
C ASN A 15 6.00 -7.14 11.65
N GLY A 16 5.18 -7.78 12.48
CA GLY A 16 4.36 -7.05 13.42
C GLY A 16 3.32 -6.22 12.71
N VAL A 17 2.88 -6.72 11.56
CA VAL A 17 1.97 -6.00 10.71
C VAL A 17 0.55 -5.95 11.29
N ARG A 18 0.10 -4.74 11.57
CA ARG A 18 -1.25 -4.53 12.06
C ARG A 18 -1.84 -3.31 11.35
N ILE A 19 -2.54 -3.58 10.26
CA ILE A 19 -3.09 -2.53 9.43
C ILE A 19 -4.59 -2.37 9.71
N PRO A 20 -5.06 -1.13 9.83
CA PRO A 20 -6.46 -0.85 10.07
C PRO A 20 -7.24 -0.76 8.77
N PRO A 21 -8.58 -0.95 8.86
CA PRO A 21 -9.47 -0.86 7.70
C PRO A 21 -9.50 0.54 7.10
N SER A 22 -8.97 1.51 7.83
CA SER A 22 -8.94 2.91 7.39
C SER A 22 -8.11 3.74 8.35
N GLY A 23 -7.74 4.94 7.94
CA GLY A 23 -6.90 5.78 8.77
C GLY A 23 -5.44 5.63 8.40
N TRP A 24 -5.16 5.66 7.11
CA TRP A 24 -3.80 5.43 6.61
C TRP A 24 -2.91 6.62 6.91
N LYS A 25 -1.63 6.35 7.08
CA LYS A 25 -0.64 7.39 7.31
C LYS A 25 0.74 6.77 7.32
N CYS A 26 1.68 7.44 6.66
CA CYS A 26 3.01 6.89 6.52
C CYS A 26 3.78 6.92 7.83
N ALA A 27 4.79 6.08 7.91
CA ALA A 27 5.60 5.94 9.12
C ALA A 27 6.13 7.29 9.64
N ARG A 28 6.95 7.96 8.83
CA ARG A 28 7.57 9.22 9.23
C ARG A 28 6.59 10.40 9.23
N CYS A 29 6.35 10.98 8.04
CA CYS A 29 5.47 12.15 7.92
C CYS A 29 4.03 11.83 8.32
N ASP A 30 3.21 12.87 8.34
CA ASP A 30 1.80 12.72 8.69
C ASP A 30 0.92 12.92 7.47
N LEU A 31 1.37 12.40 6.33
CA LEU A 31 0.60 12.49 5.11
C LEU A 31 -0.60 11.55 5.17
N ARG A 32 -1.71 12.02 4.64
CA ARG A 32 -2.94 11.26 4.63
C ARG A 32 -3.26 10.80 3.21
N GLU A 33 -2.35 11.14 2.31
CA GLU A 33 -2.53 10.92 0.89
C GLU A 33 -1.17 10.68 0.25
N ASN A 34 -1.17 10.09 -0.94
CA ASN A 34 0.08 9.72 -1.63
C ASN A 34 0.84 8.70 -0.80
N LEU A 35 0.09 7.82 -0.13
CA LEU A 35 0.69 6.80 0.71
C LEU A 35 0.76 5.48 -0.02
N TRP A 36 1.71 4.65 0.37
CA TRP A 36 1.85 3.35 -0.23
C TRP A 36 1.90 2.27 0.84
N LEU A 37 0.89 1.43 0.82
CA LEU A 37 0.78 0.31 1.74
C LEU A 37 1.48 -0.90 1.14
N ASN A 38 2.65 -1.21 1.67
CA ASN A 38 3.44 -2.34 1.20
C ASN A 38 2.69 -3.66 1.38
N LEU A 39 2.58 -4.43 0.30
CA LEU A 39 1.90 -5.72 0.33
C LEU A 39 2.74 -6.79 1.03
N THR A 40 3.98 -6.44 1.33
CA THR A 40 4.88 -7.38 1.97
C THR A 40 4.74 -7.31 3.49
N ASP A 41 5.43 -6.36 4.11
CA ASP A 41 5.50 -6.32 5.57
C ASP A 41 4.47 -5.35 6.15
N GLY A 42 3.74 -4.67 5.27
CA GLY A 42 2.69 -3.77 5.69
C GLY A 42 3.18 -2.36 5.98
N SER A 43 4.34 -2.02 5.45
CA SER A 43 4.86 -0.67 5.59
C SER A 43 3.96 0.34 4.87
N VAL A 44 3.22 1.13 5.64
CA VAL A 44 2.45 2.22 5.07
C VAL A 44 3.35 3.44 4.97
N LEU A 45 3.72 3.76 3.76
CA LEU A 45 4.70 4.79 3.53
C LEU A 45 4.13 5.84 2.62
N CYS A 46 4.95 6.72 2.10
CA CYS A 46 4.48 7.75 1.19
C CYS A 46 5.54 8.00 0.14
N GLY A 47 5.18 8.78 -0.87
CA GLY A 47 6.14 9.13 -1.90
C GLY A 47 6.54 10.57 -1.79
N LYS A 48 6.26 11.33 -2.84
CA LYS A 48 6.48 12.76 -2.82
C LYS A 48 5.67 13.43 -3.92
N TRP A 49 6.21 14.49 -4.54
CA TRP A 49 5.50 15.30 -5.53
C TRP A 49 4.51 16.23 -4.84
N PHE A 50 4.22 15.95 -3.58
CA PHE A 50 3.52 16.88 -2.70
C PHE A 50 4.52 17.92 -2.21
N PHE A 51 5.80 17.62 -2.50
CA PHE A 51 6.94 18.48 -2.19
C PHE A 51 7.32 18.41 -0.72
N ASP A 52 8.56 18.01 -0.48
CA ASP A 52 9.10 17.89 0.87
C ASP A 52 9.40 19.27 1.45
N SER A 53 8.35 20.02 1.71
CA SER A 53 8.45 21.31 2.36
C SER A 53 7.40 21.42 3.46
N SER A 54 7.09 20.28 4.05
CA SER A 54 6.04 20.14 5.05
C SER A 54 5.93 18.66 5.45
N GLY A 55 6.12 17.81 4.45
CA GLY A 55 6.06 16.38 4.66
C GLY A 55 6.08 15.65 3.33
N GLY A 56 6.31 14.35 3.38
CA GLY A 56 6.31 13.56 2.17
C GLY A 56 7.70 13.07 1.79
N ASN A 57 8.34 12.40 2.75
CA ASN A 57 9.59 11.72 2.49
C ASN A 57 9.30 10.38 1.82
N GLY A 58 9.96 10.10 0.71
CA GLY A 58 9.67 8.90 -0.05
C GLY A 58 10.23 7.63 0.59
N HIS A 59 9.54 7.15 1.63
CA HIS A 59 9.99 5.96 2.36
C HIS A 59 9.83 4.73 1.48
N ALA A 60 8.92 4.81 0.52
CA ALA A 60 8.69 3.69 -0.37
C ALA A 60 9.93 3.42 -1.21
N LEU A 61 10.67 4.48 -1.50
CA LEU A 61 11.93 4.36 -2.22
C LEU A 61 12.97 3.77 -1.29
N GLU A 62 13.04 4.33 -0.09
CA GLU A 62 13.94 3.85 0.96
C GLU A 62 13.69 2.37 1.25
N HIS A 63 12.43 2.03 1.46
CA HIS A 63 12.04 0.67 1.83
C HIS A 63 12.18 -0.29 0.64
N TYR A 64 12.09 0.26 -0.56
CA TYR A 64 12.37 -0.51 -1.78
C TYR A 64 13.84 -0.91 -1.78
N ARG A 65 14.67 -0.06 -1.21
CA ARG A 65 16.08 -0.34 -1.06
C ARG A 65 16.32 -1.25 0.16
N ASP A 66 15.51 -1.05 1.20
CA ASP A 66 15.58 -1.88 2.40
C ASP A 66 15.27 -3.34 2.09
N MET A 67 14.09 -3.58 1.57
CA MET A 67 13.59 -4.95 1.39
C MET A 67 13.60 -5.37 -0.06
N GLY A 68 13.19 -4.47 -0.94
CA GLY A 68 13.15 -4.76 -2.36
C GLY A 68 11.76 -5.13 -2.85
N TYR A 69 10.74 -4.76 -2.08
CA TYR A 69 9.37 -5.06 -2.45
C TYR A 69 8.97 -4.28 -3.69
N PRO A 70 8.35 -4.96 -4.66
CA PRO A 70 7.89 -4.33 -5.88
C PRO A 70 6.39 -4.04 -5.88
N LEU A 71 5.78 -3.99 -4.71
CA LEU A 71 4.32 -3.89 -4.62
C LEU A 71 3.85 -3.08 -3.41
N ALA A 72 3.04 -2.07 -3.69
CA ALA A 72 2.44 -1.26 -2.64
C ALA A 72 1.13 -0.65 -3.13
N VAL A 73 0.16 -0.56 -2.23
CA VAL A 73 -1.13 0.03 -2.55
C VAL A 73 -1.09 1.52 -2.37
N LYS A 74 -1.39 2.27 -3.42
CA LYS A 74 -1.49 3.72 -3.30
C LYS A 74 -2.76 4.08 -2.58
N LEU A 75 -2.62 4.39 -1.32
CA LEU A 75 -3.75 4.65 -0.45
C LEU A 75 -4.47 5.93 -0.84
N GLY A 76 -5.72 6.02 -0.45
CA GLY A 76 -6.54 7.15 -0.88
C GLY A 76 -7.39 6.80 -2.07
N THR A 77 -6.98 5.77 -2.79
CA THR A 77 -7.69 5.32 -3.99
C THR A 77 -8.58 4.13 -3.65
N ILE A 78 -8.55 3.74 -2.38
CA ILE A 78 -9.20 2.53 -1.92
C ILE A 78 -10.70 2.70 -1.82
N THR A 79 -11.41 1.77 -2.43
CA THR A 79 -12.85 1.73 -2.36
C THR A 79 -13.32 0.29 -2.14
N PRO A 80 -14.59 0.09 -1.82
CA PRO A 80 -15.17 -1.26 -1.76
C PRO A 80 -15.01 -2.00 -3.09
N ASP A 81 -14.90 -1.23 -4.16
CA ASP A 81 -14.74 -1.79 -5.49
C ASP A 81 -13.31 -2.26 -5.72
N GLY A 82 -12.35 -1.45 -5.31
CA GLY A 82 -10.96 -1.82 -5.45
C GLY A 82 -10.02 -0.68 -5.11
N ALA A 83 -8.73 -0.92 -5.23
CA ALA A 83 -7.73 0.11 -4.95
C ALA A 83 -6.66 0.14 -6.04
N ASP A 84 -5.88 1.20 -6.04
CA ASP A 84 -4.80 1.36 -7.02
C ASP A 84 -3.49 0.83 -6.47
N VAL A 85 -3.13 -0.38 -6.88
CA VAL A 85 -1.88 -1.01 -6.43
C VAL A 85 -0.79 -0.73 -7.45
N TYR A 86 0.42 -0.52 -6.96
CA TYR A 86 1.54 -0.23 -7.84
C TYR A 86 2.58 -1.34 -7.81
N SER A 87 3.01 -1.76 -8.99
CA SER A 87 4.10 -2.69 -9.13
C SER A 87 5.34 -1.94 -9.58
N PHE A 88 6.32 -1.86 -8.69
CA PHE A 88 7.53 -1.09 -8.94
C PHE A 88 8.50 -1.85 -9.84
N GLN A 89 8.32 -3.16 -9.90
CA GLN A 89 9.19 -3.99 -10.73
C GLN A 89 8.78 -3.89 -12.20
N GLU A 90 7.48 -3.75 -12.42
CA GLU A 90 6.95 -3.60 -13.77
C GLU A 90 6.78 -2.12 -14.13
N GLU A 91 6.80 -1.29 -13.09
CA GLU A 91 6.56 0.15 -13.21
C GLU A 91 5.19 0.43 -13.83
N GLU A 92 4.19 -0.26 -13.30
CA GLU A 92 2.82 -0.07 -13.76
C GLU A 92 1.85 -0.21 -12.59
N PRO A 93 0.75 0.54 -12.63
CA PRO A 93 -0.34 0.38 -11.69
C PRO A 93 -1.12 -0.89 -12.01
N VAL A 94 -1.17 -1.81 -11.07
CA VAL A 94 -1.77 -3.10 -11.33
C VAL A 94 -2.95 -3.35 -10.43
N LEU A 95 -3.92 -4.02 -11.00
CA LEU A 95 -5.07 -4.47 -10.26
C LEU A 95 -4.73 -5.78 -9.57
N ASP A 96 -5.12 -5.89 -8.32
CA ASP A 96 -4.93 -7.11 -7.57
C ASP A 96 -6.24 -7.87 -7.48
N PRO A 97 -6.36 -8.97 -8.25
CA PRO A 97 -7.56 -9.82 -8.24
C PRO A 97 -7.74 -10.54 -6.90
N HIS A 98 -6.75 -10.41 -6.03
CA HIS A 98 -6.81 -11.02 -4.71
C HIS A 98 -6.66 -9.96 -3.63
N LEU A 99 -7.18 -8.77 -3.90
CA LEU A 99 -7.17 -7.68 -2.91
C LEU A 99 -7.74 -8.16 -1.59
N ALA A 100 -8.91 -8.78 -1.66
CA ALA A 100 -9.61 -9.22 -0.45
C ALA A 100 -8.74 -10.14 0.39
N LYS A 101 -7.94 -10.97 -0.27
CA LYS A 101 -7.05 -11.90 0.41
C LYS A 101 -5.88 -11.16 1.04
N HIS A 102 -5.28 -10.26 0.28
CA HIS A 102 -4.10 -9.54 0.74
C HIS A 102 -4.46 -8.55 1.84
N LEU A 103 -5.66 -7.99 1.74
CA LEU A 103 -6.16 -7.06 2.74
C LEU A 103 -6.62 -7.81 3.98
N ALA A 104 -7.18 -8.99 3.78
CA ALA A 104 -7.62 -9.83 4.89
C ALA A 104 -6.45 -10.21 5.79
N HIS A 105 -5.34 -10.58 5.17
CA HIS A 105 -4.11 -10.90 5.89
C HIS A 105 -3.61 -9.65 6.64
N PHE A 106 -4.14 -8.51 6.27
CA PHE A 106 -3.74 -7.23 6.84
C PHE A 106 -4.78 -6.71 7.82
N GLY A 107 -5.96 -7.33 7.83
CA GLY A 107 -7.03 -6.88 8.69
C GLY A 107 -7.78 -5.70 8.09
N ILE A 108 -7.56 -5.48 6.81
CA ILE A 108 -8.14 -4.35 6.10
C ILE A 108 -9.50 -4.71 5.50
N ASP A 109 -10.45 -3.81 5.68
CA ASP A 109 -11.80 -3.98 5.13
C ASP A 109 -12.14 -2.85 4.17
N MET A 110 -12.49 -3.21 2.96
CA MET A 110 -12.91 -2.24 1.96
C MET A 110 -14.35 -1.81 2.16
N LEU A 111 -15.19 -2.78 2.48
CA LEU A 111 -16.63 -2.67 2.30
C LEU A 111 -17.31 -1.70 3.27
N HIS A 112 -16.72 -1.43 4.43
CA HIS A 112 -17.34 -0.53 5.39
C HIS A 112 -17.46 0.90 4.83
N MET A 113 -16.78 1.15 3.72
CA MET A 113 -16.82 2.46 3.09
C MET A 113 -18.07 2.63 2.23
N HIS A 114 -18.80 1.53 2.03
CA HIS A 114 -20.05 1.55 1.28
C HIS A 114 -20.87 0.31 1.59
N GLY A 115 -20.41 -0.84 1.08
CA GLY A 115 -21.13 -2.09 1.28
C GLY A 115 -22.33 -2.21 0.37
N THR A 116 -22.58 -1.15 -0.39
CA THR A 116 -23.72 -1.09 -1.28
C THR A 116 -23.34 -1.60 -2.66
ZN ZN B . 5.96 9.95 4.64
N VAL A 3 -3.33 -5.17 -14.40
CA VAL A 3 -3.20 -6.15 -13.30
C VAL A 3 -1.72 -6.39 -12.99
N SER A 4 -1.41 -6.49 -11.70
CA SER A 4 -0.05 -6.75 -11.25
C SER A 4 0.51 -8.03 -11.86
N LYS A 5 1.68 -7.92 -12.47
CA LYS A 5 2.35 -9.05 -13.07
C LYS A 5 2.73 -10.07 -11.99
N TYR A 6 3.10 -9.56 -10.83
CA TYR A 6 3.50 -10.42 -9.72
C TYR A 6 2.32 -10.68 -8.79
N ALA A 7 1.12 -10.74 -9.35
CA ALA A 7 -0.10 -10.92 -8.58
C ALA A 7 -0.09 -12.24 -7.82
N ASN A 8 0.49 -13.27 -8.43
CA ASN A 8 0.54 -14.59 -7.80
C ASN A 8 1.67 -14.64 -6.79
N ASN A 9 2.63 -13.72 -6.93
CA ASN A 9 3.77 -13.66 -6.04
C ASN A 9 3.52 -12.60 -4.97
N LEU A 10 2.33 -12.63 -4.40
CA LEU A 10 1.93 -11.68 -3.38
C LEU A 10 2.41 -12.17 -2.02
N THR A 11 3.72 -12.28 -1.88
CA THR A 11 4.34 -12.74 -0.65
C THR A 11 4.20 -11.71 0.45
N GLN A 12 3.68 -12.14 1.60
CA GLN A 12 3.46 -11.24 2.72
C GLN A 12 4.48 -11.51 3.83
N LEU A 13 4.74 -10.48 4.61
CA LEU A 13 5.71 -10.54 5.69
C LEU A 13 5.10 -9.97 6.96
N ASP A 14 4.81 -10.83 7.92
CA ASP A 14 4.20 -10.40 9.16
C ASP A 14 5.26 -10.02 10.18
N ASN A 15 5.42 -8.72 10.40
CA ASN A 15 6.39 -8.24 11.38
C ASN A 15 5.71 -7.23 12.31
N GLY A 16 4.72 -7.71 13.05
CA GLY A 16 3.95 -6.85 13.93
C GLY A 16 3.15 -5.82 13.17
N VAL A 17 2.69 -6.21 12.00
CA VAL A 17 1.95 -5.31 11.13
C VAL A 17 0.45 -5.33 11.43
N ARG A 18 -0.09 -4.15 11.67
CA ARG A 18 -1.51 -3.98 11.91
C ARG A 18 -2.02 -2.76 11.17
N ILE A 19 -2.52 -2.98 9.95
CA ILE A 19 -3.05 -1.88 9.17
C ILE A 19 -4.53 -1.71 9.45
N PRO A 20 -4.97 -0.48 9.77
CA PRO A 20 -6.36 -0.19 10.07
C PRO A 20 -7.16 0.16 8.82
N PRO A 21 -8.48 0.00 8.89
CA PRO A 21 -9.40 0.33 7.78
C PRO A 21 -9.56 1.83 7.60
N SER A 22 -8.86 2.60 8.42
CA SER A 22 -8.91 4.05 8.37
C SER A 22 -7.79 4.61 9.22
N GLY A 23 -7.30 5.79 8.88
CA GLY A 23 -6.21 6.39 9.62
C GLY A 23 -4.86 5.95 9.11
N TRP A 24 -4.79 5.68 7.81
CA TRP A 24 -3.52 5.34 7.17
C TRP A 24 -2.61 6.55 7.09
N LYS A 25 -1.31 6.32 7.07
CA LYS A 25 -0.35 7.41 7.04
C LYS A 25 1.05 6.88 6.91
N CYS A 26 1.87 7.62 6.18
CA CYS A 26 3.25 7.27 5.95
C CYS A 26 4.03 7.37 7.25
N ALA A 27 4.90 6.37 7.45
CA ALA A 27 5.70 6.24 8.66
C ALA A 27 6.51 7.49 9.00
N ARG A 28 6.84 8.28 7.99
CA ARG A 28 7.57 9.52 8.21
C ARG A 28 6.66 10.74 8.09
N CYS A 29 6.49 11.23 6.87
CA CYS A 29 5.70 12.43 6.61
C CYS A 29 4.22 12.24 6.95
N ASP A 30 3.56 13.35 7.23
CA ASP A 30 2.16 13.37 7.67
C ASP A 30 1.20 13.36 6.48
N LEU A 31 1.65 12.84 5.35
CA LEU A 31 0.76 12.67 4.23
C LEU A 31 -0.30 11.64 4.58
N ARG A 32 -1.53 12.01 4.30
CA ARG A 32 -2.69 11.22 4.71
C ARG A 32 -3.32 10.58 3.49
N GLU A 33 -2.70 10.86 2.35
CA GLU A 33 -3.09 10.30 1.07
C GLU A 33 -1.84 10.10 0.23
N ASN A 34 -2.02 9.53 -0.96
CA ASN A 34 -0.87 9.16 -1.81
C ASN A 34 0.06 8.26 -1.03
N LEU A 35 -0.55 7.41 -0.21
CA LEU A 35 0.19 6.49 0.64
C LEU A 35 0.28 5.14 -0.03
N TRP A 36 1.34 4.42 0.27
CA TRP A 36 1.52 3.10 -0.29
C TRP A 36 1.47 2.07 0.81
N LEU A 37 0.38 1.33 0.87
CA LEU A 37 0.25 0.22 1.78
C LEU A 37 0.94 -0.98 1.16
N ASN A 38 2.15 -1.28 1.62
CA ASN A 38 2.95 -2.35 1.05
C ASN A 38 2.26 -3.70 1.20
N LEU A 39 2.28 -4.50 0.14
CA LEU A 39 1.52 -5.75 0.07
C LEU A 39 2.21 -6.88 0.82
N THR A 40 3.42 -6.63 1.27
CA THR A 40 4.19 -7.64 1.97
C THR A 40 4.19 -7.42 3.47
N ASP A 41 4.95 -6.45 3.93
CA ASP A 41 5.19 -6.28 5.36
C ASP A 41 4.25 -5.25 5.97
N GLY A 42 3.53 -4.54 5.11
CA GLY A 42 2.57 -3.54 5.56
C GLY A 42 3.21 -2.20 5.83
N SER A 43 4.37 -1.95 5.23
CA SER A 43 4.97 -0.63 5.29
C SER A 43 4.09 0.40 4.59
N VAL A 44 3.44 1.23 5.37
CA VAL A 44 2.65 2.32 4.83
C VAL A 44 3.53 3.55 4.66
N LEU A 45 3.85 3.84 3.42
CA LEU A 45 4.70 4.97 3.09
C LEU A 45 3.89 5.95 2.27
N CYS A 46 4.51 6.99 1.77
CA CYS A 46 3.77 7.94 0.94
C CYS A 46 4.54 8.27 -0.34
N GLY A 47 3.99 9.17 -1.15
CA GLY A 47 4.59 9.48 -2.43
C GLY A 47 5.95 10.14 -2.33
N LYS A 48 6.70 10.05 -3.42
CA LYS A 48 7.93 10.83 -3.59
C LYS A 48 7.98 11.40 -5.00
N TRP A 49 6.96 11.07 -5.79
CA TRP A 49 6.94 11.41 -7.20
C TRP A 49 5.82 12.42 -7.48
N PHE A 50 4.80 12.41 -6.62
CA PHE A 50 3.67 13.30 -6.76
C PHE A 50 3.94 14.56 -5.95
N PHE A 51 3.74 15.72 -6.56
CA PHE A 51 4.10 16.98 -5.93
C PHE A 51 3.04 17.41 -4.90
N ASP A 52 3.31 17.09 -3.65
CA ASP A 52 2.53 17.63 -2.55
C ASP A 52 3.17 18.94 -2.09
N SER A 53 2.47 19.69 -1.25
CA SER A 53 3.00 20.94 -0.71
C SER A 53 4.42 20.77 -0.19
N SER A 54 4.63 19.80 0.70
CA SER A 54 5.96 19.52 1.22
C SER A 54 6.02 18.15 1.91
N GLY A 55 5.08 17.28 1.56
CA GLY A 55 5.08 15.95 2.13
C GLY A 55 5.64 14.91 1.19
N GLY A 56 6.34 13.93 1.74
CA GLY A 56 6.90 12.87 0.94
C GLY A 56 8.38 12.68 1.23
N ASN A 57 8.92 11.51 0.90
CA ASN A 57 10.29 11.17 1.25
C ASN A 57 10.71 9.89 0.53
N GLY A 58 11.96 9.47 0.74
CA GLY A 58 12.50 8.33 -0.01
C GLY A 58 12.32 7.00 0.69
N HIS A 59 11.27 6.90 1.50
CA HIS A 59 10.94 5.67 2.24
C HIS A 59 10.75 4.48 1.30
N ALA A 60 10.22 4.74 0.11
CA ALA A 60 9.95 3.68 -0.84
C ALA A 60 11.24 3.07 -1.37
N LEU A 61 12.27 3.91 -1.49
CA LEU A 61 13.58 3.45 -1.95
C LEU A 61 14.17 2.56 -0.88
N GLU A 62 14.13 3.07 0.35
CA GLU A 62 14.57 2.32 1.52
C GLU A 62 13.92 0.95 1.57
N HIS A 63 12.61 0.92 1.44
CA HIS A 63 11.86 -0.32 1.55
C HIS A 63 12.22 -1.30 0.44
N TYR A 64 12.43 -0.80 -0.76
CA TYR A 64 12.80 -1.65 -1.89
C TYR A 64 14.21 -2.18 -1.71
N ARG A 65 15.08 -1.36 -1.14
CA ARG A 65 16.45 -1.76 -0.86
C ARG A 65 16.53 -2.76 0.29
N ASP A 66 15.62 -2.62 1.25
CA ASP A 66 15.56 -3.52 2.40
C ASP A 66 14.95 -4.87 2.04
N MET A 67 13.72 -4.85 1.58
CA MET A 67 12.93 -6.07 1.45
C MET A 67 12.83 -6.54 0.00
N GLY A 68 12.95 -5.61 -0.93
CA GLY A 68 12.87 -5.95 -2.35
C GLY A 68 11.46 -6.22 -2.83
N TYR A 69 10.47 -5.85 -2.02
CA TYR A 69 9.06 -6.09 -2.38
C TYR A 69 8.43 -4.84 -2.98
N PRO A 70 8.32 -4.82 -4.31
CA PRO A 70 7.92 -3.65 -5.09
C PRO A 70 6.42 -3.54 -5.35
N LEU A 71 5.60 -3.67 -4.31
CA LEU A 71 4.16 -3.61 -4.47
C LEU A 71 3.50 -2.92 -3.28
N ALA A 72 2.69 -1.91 -3.57
CA ALA A 72 2.03 -1.15 -2.51
C ALA A 72 0.74 -0.49 -3.01
N VAL A 73 -0.28 -0.48 -2.16
CA VAL A 73 -1.58 0.08 -2.51
C VAL A 73 -1.64 1.58 -2.24
N LYS A 74 -2.02 2.36 -3.25
CA LYS A 74 -2.22 3.79 -3.07
C LYS A 74 -3.51 4.02 -2.28
N LEU A 75 -3.36 4.26 -1.01
CA LEU A 75 -4.49 4.42 -0.11
C LEU A 75 -5.29 5.66 -0.45
N GLY A 76 -6.55 5.63 -0.06
CA GLY A 76 -7.46 6.71 -0.43
C GLY A 76 -8.25 6.39 -1.69
N THR A 77 -7.92 5.28 -2.34
CA THR A 77 -8.60 4.88 -3.57
C THR A 77 -9.29 3.54 -3.38
N ILE A 78 -9.41 3.12 -2.14
CA ILE A 78 -9.99 1.84 -1.81
C ILE A 78 -11.50 1.84 -1.97
N THR A 79 -11.98 1.04 -2.91
CA THR A 79 -13.40 0.92 -3.19
C THR A 79 -13.85 -0.52 -3.05
N PRO A 80 -15.17 -0.78 -3.04
CA PRO A 80 -15.70 -2.16 -3.06
C PRO A 80 -15.10 -2.99 -4.20
N ASP A 81 -14.71 -2.31 -5.27
CA ASP A 81 -14.07 -2.95 -6.41
C ASP A 81 -12.64 -3.33 -6.09
N GLY A 82 -11.88 -2.35 -5.62
CA GLY A 82 -10.49 -2.57 -5.32
C GLY A 82 -9.79 -1.27 -5.01
N ALA A 83 -8.47 -1.25 -5.15
CA ALA A 83 -7.72 -0.03 -4.92
C ALA A 83 -6.66 0.15 -5.98
N ASP A 84 -6.16 1.38 -6.08
CA ASP A 84 -5.13 1.70 -7.05
C ASP A 84 -3.77 1.29 -6.51
N VAL A 85 -3.28 0.16 -6.96
CA VAL A 85 -2.00 -0.35 -6.49
C VAL A 85 -0.89 0.15 -7.39
N TYR A 86 0.23 0.52 -6.82
CA TYR A 86 1.37 0.92 -7.61
C TYR A 86 2.48 -0.09 -7.43
N SER A 87 3.02 -0.55 -8.54
CA SER A 87 4.11 -1.50 -8.52
C SER A 87 5.41 -0.75 -8.74
N PHE A 88 6.34 -0.88 -7.79
CA PHE A 88 7.62 -0.18 -7.88
C PHE A 88 8.51 -0.84 -8.93
N GLN A 89 8.24 -2.12 -9.19
CA GLN A 89 9.02 -2.88 -10.15
C GLN A 89 8.57 -2.53 -11.57
N GLU A 90 7.26 -2.55 -11.78
CA GLU A 90 6.68 -2.23 -13.08
C GLU A 90 6.64 -0.72 -13.30
N GLU A 91 6.65 0.01 -12.19
CA GLU A 91 6.59 1.47 -12.18
C GLU A 91 5.30 1.99 -12.80
N GLU A 92 4.27 1.16 -12.76
CA GLU A 92 2.98 1.51 -13.32
C GLU A 92 1.87 1.19 -12.32
N PRO A 93 0.72 1.87 -12.43
CA PRO A 93 -0.46 1.59 -11.61
C PRO A 93 -1.10 0.27 -12.02
N VAL A 94 -1.14 -0.66 -11.09
CA VAL A 94 -1.63 -2.00 -11.37
C VAL A 94 -2.83 -2.36 -10.49
N LEU A 95 -3.55 -3.37 -10.93
CA LEU A 95 -4.62 -3.97 -10.15
C LEU A 95 -4.05 -5.17 -9.42
N ASP A 96 -4.71 -5.63 -8.37
CA ASP A 96 -4.27 -6.84 -7.69
C ASP A 96 -5.46 -7.71 -7.34
N PRO A 97 -5.49 -8.94 -7.87
CA PRO A 97 -6.56 -9.91 -7.60
C PRO A 97 -6.50 -10.49 -6.19
N HIS A 98 -5.46 -10.14 -5.43
CA HIS A 98 -5.29 -10.68 -4.10
C HIS A 98 -5.28 -9.57 -3.05
N LEU A 99 -5.89 -8.44 -3.39
CA LEU A 99 -6.07 -7.34 -2.43
C LEU A 99 -6.76 -7.85 -1.18
N ALA A 100 -7.81 -8.62 -1.40
CA ALA A 100 -8.61 -9.18 -0.31
C ALA A 100 -7.75 -9.99 0.65
N LYS A 101 -6.74 -10.66 0.12
CA LYS A 101 -5.87 -11.50 0.95
C LYS A 101 -5.04 -10.64 1.89
N HIS A 102 -4.47 -9.57 1.36
CA HIS A 102 -3.62 -8.70 2.15
C HIS A 102 -4.45 -8.04 3.24
N LEU A 103 -5.66 -7.64 2.89
CA LEU A 103 -6.56 -6.99 3.82
C LEU A 103 -7.13 -7.99 4.81
N ALA A 104 -7.28 -9.23 4.37
CA ALA A 104 -7.80 -10.29 5.22
C ALA A 104 -6.93 -10.50 6.45
N HIS A 105 -5.61 -10.42 6.26
CA HIS A 105 -4.67 -10.51 7.39
C HIS A 105 -4.85 -9.33 8.34
N PHE A 106 -5.58 -8.33 7.89
CA PHE A 106 -5.80 -7.12 8.66
C PHE A 106 -7.24 -7.04 9.14
N GLY A 107 -8.06 -7.98 8.70
CA GLY A 107 -9.46 -7.95 9.05
C GLY A 107 -10.22 -6.92 8.23
N ILE A 108 -9.53 -6.36 7.26
CA ILE A 108 -10.11 -5.36 6.39
C ILE A 108 -10.83 -6.03 5.24
N ASP A 109 -12.02 -5.56 4.95
CA ASP A 109 -12.76 -6.00 3.79
C ASP A 109 -13.30 -4.78 3.06
N MET A 110 -13.28 -4.83 1.74
CA MET A 110 -13.75 -3.71 0.93
C MET A 110 -15.22 -3.41 1.22
N LEU A 111 -15.99 -4.46 1.47
CA LEU A 111 -17.42 -4.32 1.66
C LEU A 111 -17.76 -4.05 3.11
N HIS A 112 -16.76 -4.13 3.97
CA HIS A 112 -16.96 -3.93 5.41
C HIS A 112 -17.39 -2.49 5.67
N MET A 113 -16.96 -1.59 4.81
CA MET A 113 -17.40 -0.20 4.87
C MET A 113 -18.77 -0.09 4.23
N HIS A 114 -18.79 -0.14 2.90
CA HIS A 114 -20.02 -0.19 2.13
C HIS A 114 -19.72 -0.52 0.68
N GLY A 115 -20.14 -1.69 0.26
CA GLY A 115 -19.97 -2.08 -1.12
C GLY A 115 -21.28 -2.55 -1.73
N THR A 116 -22.00 -3.36 -0.98
CA THR A 116 -23.28 -3.87 -1.42
C THR A 116 -24.35 -2.80 -1.34
ZN ZN B . 6.31 9.94 3.38
N VAL A 3 -3.18 -5.93 -14.53
CA VAL A 3 -2.93 -6.86 -13.40
C VAL A 3 -1.54 -7.48 -13.51
N SER A 4 -0.83 -7.52 -12.40
CA SER A 4 0.50 -8.11 -12.37
C SER A 4 0.47 -9.52 -11.79
N LYS A 5 1.27 -10.40 -12.38
CA LYS A 5 1.34 -11.81 -11.96
C LYS A 5 1.90 -11.92 -10.55
N TYR A 6 2.55 -10.86 -10.09
CA TYR A 6 3.16 -10.81 -8.78
C TYR A 6 2.10 -10.65 -7.69
N ALA A 7 0.88 -10.33 -8.11
CA ALA A 7 -0.24 -10.21 -7.20
C ALA A 7 -1.09 -11.48 -7.22
N ASN A 8 -0.84 -12.34 -8.19
CA ASN A 8 -1.59 -13.60 -8.33
C ASN A 8 -1.33 -14.50 -7.12
N ASN A 9 -0.06 -14.63 -6.77
CA ASN A 9 0.31 -15.33 -5.56
C ASN A 9 1.37 -14.50 -4.84
N LEU A 10 0.93 -13.38 -4.29
CA LEU A 10 1.82 -12.44 -3.65
C LEU A 10 2.35 -12.98 -2.33
N THR A 11 3.32 -12.27 -1.77
CA THR A 11 3.98 -12.72 -0.55
C THR A 11 3.79 -11.68 0.55
N GLN A 12 3.40 -12.14 1.72
CA GLN A 12 3.12 -11.25 2.84
C GLN A 12 4.14 -11.45 3.96
N LEU A 13 4.34 -10.40 4.73
CA LEU A 13 5.27 -10.40 5.85
C LEU A 13 4.51 -9.95 7.09
N ASP A 14 4.32 -10.85 8.04
CA ASP A 14 3.62 -10.48 9.26
C ASP A 14 4.62 -10.18 10.36
N ASN A 15 4.93 -8.91 10.53
CA ASN A 15 5.78 -8.47 11.62
C ASN A 15 4.93 -7.80 12.68
N GLY A 16 3.86 -8.51 13.07
CA GLY A 16 2.87 -7.93 13.95
C GLY A 16 2.10 -6.82 13.27
N VAL A 17 1.91 -6.97 11.96
CA VAL A 17 1.25 -5.94 11.16
C VAL A 17 -0.19 -5.71 11.61
N ARG A 18 -0.41 -4.53 12.14
CA ARG A 18 -1.73 -4.10 12.53
C ARG A 18 -1.91 -2.66 12.11
N ILE A 19 -2.64 -2.45 11.02
CA ILE A 19 -2.81 -1.13 10.46
C ILE A 19 -3.68 -0.27 11.36
N PRO A 20 -3.21 0.94 11.67
CA PRO A 20 -3.77 1.77 12.74
C PRO A 20 -5.13 2.38 12.37
N PRO A 21 -5.87 2.85 13.41
CA PRO A 21 -7.23 3.39 13.27
C PRO A 21 -7.31 4.65 12.39
N SER A 22 -6.18 5.11 11.87
CA SER A 22 -6.18 6.22 10.93
C SER A 22 -6.48 5.68 9.53
N GLY A 23 -6.46 4.36 9.42
CA GLY A 23 -6.73 3.68 8.17
C GLY A 23 -5.54 3.63 7.25
N TRP A 24 -4.66 4.62 7.38
CA TRP A 24 -3.45 4.70 6.60
C TRP A 24 -2.61 5.91 7.00
N LYS A 25 -1.29 5.74 6.93
CA LYS A 25 -0.32 6.82 7.15
C LYS A 25 1.08 6.24 7.02
N CYS A 26 1.96 6.97 6.34
CA CYS A 26 3.28 6.45 6.03
C CYS A 26 4.18 6.36 7.25
N ALA A 27 5.18 5.51 7.15
CA ALA A 27 6.15 5.28 8.21
C ALA A 27 6.68 6.58 8.82
N ARG A 28 7.38 7.37 8.02
CA ARG A 28 8.03 8.58 8.52
C ARG A 28 7.07 9.77 8.65
N CYS A 29 6.81 10.47 7.55
CA CYS A 29 5.96 11.67 7.58
C CYS A 29 4.55 11.36 8.05
N ASP A 30 3.79 12.41 8.34
CA ASP A 30 2.42 12.26 8.84
C ASP A 30 1.42 12.59 7.74
N LEU A 31 1.62 12.02 6.57
CA LEU A 31 0.70 12.22 5.46
C LEU A 31 -0.49 11.29 5.58
N ARG A 32 -1.63 11.76 5.13
CA ARG A 32 -2.86 10.99 5.19
C ARG A 32 -3.26 10.53 3.78
N GLU A 33 -2.42 10.83 2.81
CA GLU A 33 -2.70 10.52 1.41
C GLU A 33 -1.43 10.26 0.64
N ASN A 34 -1.60 9.87 -0.63
CA ASN A 34 -0.49 9.48 -1.51
C ASN A 34 0.36 8.42 -0.84
N LEU A 35 -0.31 7.48 -0.19
CA LEU A 35 0.37 6.44 0.58
C LEU A 35 0.40 5.13 -0.19
N TRP A 36 1.43 4.35 0.06
CA TRP A 36 1.58 3.05 -0.56
C TRP A 36 1.67 1.96 0.51
N LEU A 37 0.64 1.15 0.59
CA LEU A 37 0.58 0.04 1.52
C LEU A 37 1.21 -1.19 0.87
N ASN A 38 2.43 -1.50 1.26
CA ASN A 38 3.15 -2.63 0.68
C ASN A 38 2.41 -3.94 0.84
N LEU A 39 2.44 -4.75 -0.22
CA LEU A 39 1.67 -5.99 -0.28
C LEU A 39 2.29 -7.06 0.59
N THR A 40 3.49 -6.81 1.04
CA THR A 40 4.23 -7.79 1.81
C THR A 40 4.21 -7.46 3.29
N ASP A 41 5.08 -6.54 3.71
CA ASP A 41 5.38 -6.33 5.12
C ASP A 41 4.46 -5.28 5.75
N GLY A 42 3.51 -4.80 4.97
CA GLY A 42 2.54 -3.82 5.46
C GLY A 42 3.15 -2.46 5.69
N SER A 43 4.31 -2.22 5.10
CA SER A 43 4.94 -0.92 5.23
C SER A 43 4.18 0.12 4.42
N VAL A 44 3.45 0.96 5.12
CA VAL A 44 2.71 2.05 4.50
C VAL A 44 3.65 3.23 4.28
N LEU A 45 3.81 3.61 3.03
CA LEU A 45 4.73 4.66 2.68
C LEU A 45 4.00 5.77 1.96
N CYS A 46 4.74 6.72 1.41
CA CYS A 46 4.14 7.84 0.70
C CYS A 46 5.03 8.27 -0.45
N GLY A 47 4.50 9.12 -1.31
CA GLY A 47 5.27 9.67 -2.41
C GLY A 47 4.75 11.04 -2.82
N LYS A 48 5.41 12.08 -2.35
CA LYS A 48 5.01 13.44 -2.66
C LYS A 48 5.71 13.93 -3.91
N TRP A 49 4.97 14.59 -4.80
CA TRP A 49 5.54 15.08 -6.03
C TRP A 49 5.99 16.53 -5.88
N PHE A 50 5.41 17.22 -4.90
CA PHE A 50 5.73 18.62 -4.67
C PHE A 50 6.82 18.75 -3.62
N PHE A 51 7.91 19.41 -3.98
CA PHE A 51 9.05 19.58 -3.09
C PHE A 51 8.80 20.73 -2.13
N ASP A 52 9.27 20.58 -0.89
CA ASP A 52 9.16 21.61 0.15
C ASP A 52 7.73 21.69 0.70
N SER A 53 6.80 21.08 0.01
CA SER A 53 5.40 21.14 0.39
C SER A 53 5.10 20.19 1.54
N SER A 54 5.37 20.67 2.76
CA SER A 54 5.06 19.94 4.00
C SER A 54 6.00 18.75 4.22
N GLY A 55 5.85 17.71 3.40
CA GLY A 55 6.65 16.52 3.57
C GLY A 55 6.45 15.54 2.44
N GLY A 56 6.29 14.27 2.78
CA GLY A 56 6.05 13.26 1.77
C GLY A 56 7.33 12.67 1.21
N ASN A 57 8.26 12.32 2.09
CA ASN A 57 9.49 11.65 1.70
C ASN A 57 9.19 10.35 0.96
N GLY A 58 9.76 10.21 -0.24
CA GLY A 58 9.52 9.03 -1.05
C GLY A 58 10.18 7.79 -0.46
N HIS A 59 9.43 7.10 0.39
CA HIS A 59 9.97 5.93 1.10
C HIS A 59 10.05 4.73 0.19
N ALA A 60 9.28 4.71 -0.88
CA ALA A 60 9.24 3.57 -1.79
C ALA A 60 10.66 3.18 -2.25
N LEU A 61 11.47 4.20 -2.50
CA LEU A 61 12.88 3.97 -2.85
C LEU A 61 13.60 3.37 -1.67
N GLU A 62 13.38 3.98 -0.51
CA GLU A 62 13.96 3.54 0.74
C GLU A 62 13.60 2.07 1.04
N HIS A 63 12.33 1.73 0.87
CA HIS A 63 11.85 0.38 1.14
C HIS A 63 12.46 -0.62 0.16
N TYR A 64 12.68 -0.17 -1.08
CA TYR A 64 13.32 -0.99 -2.09
C TYR A 64 14.76 -1.29 -1.68
N ARG A 65 15.36 -0.35 -0.98
CA ARG A 65 16.71 -0.50 -0.48
C ARG A 65 16.75 -1.32 0.81
N ASP A 66 15.75 -1.14 1.66
CA ASP A 66 15.68 -1.88 2.93
C ASP A 66 15.25 -3.33 2.72
N MET A 67 14.08 -3.53 2.14
CA MET A 67 13.49 -4.86 2.03
C MET A 67 13.38 -5.32 0.58
N GLY A 68 13.32 -4.37 -0.34
CA GLY A 68 13.35 -4.70 -1.75
C GLY A 68 11.97 -5.02 -2.33
N TYR A 69 10.95 -5.06 -1.49
CA TYR A 69 9.60 -5.38 -1.94
C TYR A 69 9.00 -4.20 -2.70
N PRO A 70 8.74 -4.39 -4.01
CA PRO A 70 8.34 -3.34 -4.93
C PRO A 70 6.85 -3.35 -5.27
N LEU A 71 6.00 -3.64 -4.31
CA LEU A 71 4.56 -3.75 -4.58
C LEU A 71 3.75 -3.13 -3.46
N ALA A 72 2.87 -2.20 -3.81
CA ALA A 72 2.12 -1.47 -2.78
C ALA A 72 0.78 -0.96 -3.30
N VAL A 73 -0.17 -0.82 -2.38
CA VAL A 73 -1.50 -0.29 -2.68
C VAL A 73 -1.53 1.20 -2.44
N LYS A 74 -1.92 1.97 -3.44
CA LYS A 74 -2.05 3.41 -3.29
C LYS A 74 -3.31 3.72 -2.49
N LEU A 75 -3.12 4.08 -1.25
CA LEU A 75 -4.20 4.26 -0.31
C LEU A 75 -5.00 5.52 -0.61
N GLY A 76 -6.21 5.58 -0.07
CA GLY A 76 -7.10 6.69 -0.35
C GLY A 76 -8.02 6.40 -1.52
N THR A 77 -7.63 5.44 -2.35
CA THR A 77 -8.39 5.10 -3.55
C THR A 77 -9.20 3.83 -3.33
N ILE A 78 -9.00 3.22 -2.17
CA ILE A 78 -9.54 1.92 -1.86
C ILE A 78 -11.06 1.94 -1.78
N THR A 79 -11.67 1.04 -2.53
CA THR A 79 -13.09 0.81 -2.47
C THR A 79 -13.35 -0.69 -2.49
N PRO A 80 -14.53 -1.16 -2.06
CA PRO A 80 -14.84 -2.59 -1.94
C PRO A 80 -14.47 -3.40 -3.19
N ASP A 81 -14.72 -2.82 -4.35
CA ASP A 81 -14.38 -3.45 -5.63
C ASP A 81 -12.88 -3.63 -5.78
N GLY A 82 -12.14 -2.53 -5.64
CA GLY A 82 -10.70 -2.57 -5.80
C GLY A 82 -10.07 -1.24 -5.44
N ALA A 83 -8.75 -1.15 -5.65
CA ALA A 83 -8.02 0.06 -5.34
C ALA A 83 -6.91 0.28 -6.35
N ASP A 84 -6.30 1.46 -6.29
CA ASP A 84 -5.17 1.80 -7.15
C ASP A 84 -3.91 1.12 -6.63
N VAL A 85 -3.42 0.13 -7.36
CA VAL A 85 -2.22 -0.59 -6.94
C VAL A 85 -1.05 -0.18 -7.81
N TYR A 86 0.10 0.04 -7.20
CA TYR A 86 1.27 0.47 -7.95
C TYR A 86 2.44 -0.47 -7.72
N SER A 87 3.11 -0.81 -8.80
CA SER A 87 4.28 -1.66 -8.71
C SER A 87 5.53 -0.82 -8.98
N PHE A 88 6.46 -0.85 -8.04
CA PHE A 88 7.70 -0.10 -8.18
C PHE A 88 8.69 -0.90 -9.01
N GLN A 89 8.33 -2.15 -9.25
CA GLN A 89 9.13 -3.04 -10.07
C GLN A 89 8.76 -2.86 -11.54
N GLU A 90 7.45 -2.90 -11.82
CA GLU A 90 6.95 -2.69 -13.17
C GLU A 90 6.91 -1.20 -13.49
N GLU A 91 7.01 -0.37 -12.44
CA GLU A 91 6.99 1.09 -12.56
C GLU A 91 5.63 1.60 -13.04
N GLU A 92 4.65 0.72 -13.03
CA GLU A 92 3.32 1.02 -13.56
C GLU A 92 2.24 0.66 -12.55
N PRO A 93 1.07 1.31 -12.65
CA PRO A 93 -0.10 0.96 -11.85
C PRO A 93 -0.67 -0.39 -12.27
N VAL A 94 -0.81 -1.29 -11.32
CA VAL A 94 -1.30 -2.63 -11.59
C VAL A 94 -2.55 -2.91 -10.79
N LEU A 95 -2.97 -4.16 -10.78
CA LEU A 95 -4.16 -4.54 -10.04
C LEU A 95 -3.90 -5.82 -9.27
N ASP A 96 -4.29 -5.82 -8.00
CA ASP A 96 -4.17 -7.00 -7.17
C ASP A 96 -5.50 -7.74 -7.13
N PRO A 97 -5.53 -8.96 -7.69
CA PRO A 97 -6.73 -9.81 -7.67
C PRO A 97 -7.09 -10.26 -6.27
N HIS A 98 -6.18 -10.07 -5.32
CA HIS A 98 -6.38 -10.51 -3.95
C HIS A 98 -6.35 -9.34 -2.97
N LEU A 99 -6.75 -8.17 -3.44
CA LEU A 99 -6.82 -6.97 -2.60
C LEU A 99 -7.56 -7.25 -1.30
N ALA A 100 -8.70 -7.91 -1.44
CA ALA A 100 -9.55 -8.22 -0.29
C ALA A 100 -8.81 -9.08 0.72
N LYS A 101 -7.97 -9.98 0.23
CA LYS A 101 -7.19 -10.84 1.11
C LYS A 101 -6.08 -10.05 1.78
N HIS A 102 -5.39 -9.22 0.99
CA HIS A 102 -4.32 -8.38 1.52
C HIS A 102 -4.85 -7.49 2.63
N LEU A 103 -6.03 -6.95 2.42
CA LEU A 103 -6.64 -6.05 3.39
C LEU A 103 -7.19 -6.83 4.58
N ALA A 104 -7.87 -7.94 4.30
CA ALA A 104 -8.45 -8.76 5.37
C ALA A 104 -7.38 -9.31 6.30
N HIS A 105 -6.25 -9.72 5.73
CA HIS A 105 -5.11 -10.17 6.51
C HIS A 105 -4.62 -9.05 7.43
N PHE A 106 -4.97 -7.83 7.06
CA PHE A 106 -4.49 -6.64 7.74
C PHE A 106 -5.58 -6.07 8.65
N GLY A 107 -6.77 -6.67 8.61
CA GLY A 107 -7.88 -6.18 9.39
C GLY A 107 -8.59 -5.02 8.71
N ILE A 108 -8.18 -4.75 7.48
CA ILE A 108 -8.75 -3.69 6.69
C ILE A 108 -9.99 -4.17 5.95
N ASP A 109 -11.13 -3.62 6.31
CA ASP A 109 -12.40 -4.03 5.72
C ASP A 109 -12.82 -3.07 4.63
N MET A 110 -12.93 -3.59 3.41
CA MET A 110 -13.34 -2.80 2.27
C MET A 110 -14.76 -2.30 2.45
N LEU A 111 -15.59 -3.16 3.02
CA LEU A 111 -17.02 -2.89 3.10
C LEU A 111 -17.34 -1.92 4.23
N HIS A 112 -16.31 -1.51 4.97
CA HIS A 112 -16.48 -0.53 6.03
C HIS A 112 -16.74 0.84 5.43
N MET A 113 -16.28 1.02 4.20
CA MET A 113 -16.49 2.27 3.46
C MET A 113 -17.72 2.17 2.57
N HIS A 114 -18.42 1.03 2.65
CA HIS A 114 -19.64 0.83 1.90
C HIS A 114 -20.68 0.14 2.78
N GLY A 115 -20.82 -1.18 2.64
CA GLY A 115 -21.82 -1.89 3.40
C GLY A 115 -23.23 -1.57 2.94
N THR A 116 -23.70 -0.38 3.32
CA THR A 116 -25.06 0.08 3.03
C THR A 116 -26.09 -1.02 3.28
ZN ZN B . 6.11 9.66 4.16
#